data_7V68
#
_entry.id   7V68
#
_cell.length_a   1.00
_cell.length_b   1.00
_cell.length_c   1.00
_cell.angle_alpha   90.00
_cell.angle_beta   90.00
_cell.angle_gamma   90.00
#
_symmetry.space_group_name_H-M   'P 1'
#
loop_
_entity.id
_entity.type
_entity.pdbx_description
1 polymer 'Guanine nucleotide-binding protein G(i) subunit alpha-1'
2 polymer 'Guanine nucleotide-binding protein G(I)/G(S)/G(T) subunit beta-1'
3 polymer 'Guanine nucleotide-binding protein G(I)/G(S)/G(O) subunit gamma-2'
4 polymer scFv16
5 polymer 'Muscarinic acetylcholine receptor M4'
6 non-polymer 4-(4,5-dihydro-1,2-oxazol-3-yloxy)-N,N,N-trimethylbut-2-yn-1-aminium
7 non-polymer 3-amino-5-chloro-N-cyclopropyl-4-methyl-6-[2-(4-methylpiperazin-1-yl)-2-oxoethoxy]thieno[2,3-b]pyridine-2-carboxamide
#
loop_
_entity_poly.entity_id
_entity_poly.type
_entity_poly.pdbx_seq_one_letter_code
_entity_poly.pdbx_strand_id
1 'polypeptide(L)'
;GSMGCTLSAEDKAAVERSKMIDRNLREDGEKAAREVKLLLLGAGESGKSTIVKQMKIIHEAGYSEEECKQYKAVVYSNTI
QSIIAIIRAMGRLKIDFGDSARADDARQLFVLAGAAEEGFMTAELAGVIKRLWKDSGVQACFNRSREYQLNDSAAYYLND
LDRIAQPNYIPTQQDVLRTRVKTTGIVETHFTFKDLHFKMFDVGGQRSERKKWIHCFEGVTAIIFCVALSDYDLVLAEDE
EMNRMHESMKLFDSICNNKWFTDTSIILFLNKKDLFEEKIKKSPLTICYPEYAGSNTYEEAAAYIQCQFEDLNKRKDTKE
IYTHFTCATDTKNVQFVFDAVTDVIIKNNLKDCGLF
;
A
2 'polypeptide(L)'
;SELDQLRQEAEQLKNQIRDARKACADATLSQITNNIDPVGRIQMRTRRTLRGHLAKIYAMHWGTDSRLLVSASQDGKLII
WDSYTTNKVHAIPLRSSWVMTCAYAPSGNYVACGGLDNICSIYNLKTREGNVRVSRELAGHTGYLSCCRFLDDNQIVTSS
GDTTCALWDIETGQQTTTFTGHTGDVMSLSLAPDTRLFVSGACDASAKLWDVREGMCRQTFTGHESDINAICFFPNGNAF
ATGSDDATCRLFDLRADQELMTYSHDNIICGITSVSFSKSGRLLLAGYDDFNCNVWDALKADRAGVLAGHDNRVSCLGVT
DDGMAVATGSWDSFLKIWN
;
B
3 'polypeptide(L)' MASNNTASIAQARKLVEQLKMEANIDRIKVSKAAADLMAYCEAHAKEDPLLTPVPASENPFREKKFFCAIL C
4 'polypeptide(L)'
;DVQLVESGGGLVQPGGSRKLSCSASGFAFSSFGMHWVRQAPEKGLEWVAYISSGSGTIYYADTVKGRFTISRDDPKNTLF
LQMTSLRSEDTAMYYCVRSIYYYGSSPFDFWGQGTTLTVSSGGGGSGGGGSGGGGSDIVMTQATSSVPVTPGESVSISCR
SSKSLLHSNGNTYLYWFLQRPGQSPQLLIYRMSNLASGVPDRFSGSGSGTAFTLTISRLEAEDVGVYYCMQHLEYPLTFG
AGTKLELKAAAHHHHHHHH
;
S
5 'polypeptide(L)'
;MANFTPVNGSSGNQSVRLVTSSSHNRYETVEMVFIATVTGSLSLVTVVGNILVMLSIKVNRQLQTVNNYFLFSLACADLI
IGAFSMNLYTVYIIKGYWPLGAVVCDLWLALDYVVSNASVMNLLIISFDRYFCVTKPLTYPARRTTKMAGLMIAAAWVLS
FVLWAPAILFWQFVVGKRTVPDNQCFIQFLSNPAVTFGTAIAAFYLPVVIMTVLYIHISLASRSRVHKHRPEGPKEKKAV
ARKFASIARNQVRKKRQMAARERKVTRTIFAILLAFILTWTPYNVMVLVNTFCQSCIPDTVWSIGYWLCYVNSTINPACY
ALCNATFKKTFRHLLLCQYRNIGTAR
;
R
#
# COMPACT_ATOMS: atom_id res chain seq x y z
N CYS A 5 -23.18 -16.29 -3.59
CA CYS A 5 -22.87 -15.23 -2.64
C CYS A 5 -22.33 -15.79 -1.34
N THR A 6 -23.24 -16.17 -0.44
CA THR A 6 -22.89 -16.66 0.90
C THR A 6 -22.12 -15.62 1.71
N LEU A 7 -22.50 -14.35 1.54
CA LEU A 7 -22.02 -13.26 2.37
C LEU A 7 -23.21 -12.63 3.08
N SER A 8 -23.00 -12.21 4.33
CA SER A 8 -24.04 -11.48 5.04
C SER A 8 -24.31 -10.14 4.38
N ALA A 9 -25.49 -9.58 4.66
CA ALA A 9 -25.82 -8.27 4.12
C ALA A 9 -24.89 -7.20 4.66
N GLU A 10 -24.60 -7.25 5.97
CA GLU A 10 -23.65 -6.30 6.53
C GLU A 10 -22.24 -6.56 6.02
N ASP A 11 -21.90 -7.82 5.73
CA ASP A 11 -20.61 -8.10 5.11
C ASP A 11 -20.52 -7.47 3.72
N LYS A 12 -21.62 -7.50 2.96
CA LYS A 12 -21.64 -6.86 1.66
C LYS A 12 -21.54 -5.34 1.79
N ALA A 13 -22.19 -4.78 2.80
CA ALA A 13 -22.04 -3.35 3.06
C ALA A 13 -20.59 -3.03 3.42
N ALA A 14 -19.94 -3.91 4.17
CA ALA A 14 -18.53 -3.72 4.52
C ALA A 14 -17.63 -3.80 3.29
N VAL A 15 -17.93 -4.71 2.35
CA VAL A 15 -17.08 -4.78 1.16
C VAL A 15 -17.31 -3.53 0.31
N GLU A 16 -18.53 -2.99 0.32
CA GLU A 16 -18.77 -1.71 -0.33
C GLU A 16 -17.94 -0.60 0.32
N ARG A 17 -17.88 -0.59 1.64
CA ARG A 17 -17.06 0.40 2.34
C ARG A 17 -15.58 0.23 2.00
N SER A 18 -15.12 -1.01 1.88
CA SER A 18 -13.74 -1.27 1.48
C SER A 18 -13.48 -0.75 0.06
N LYS A 19 -14.44 -0.95 -0.84
CA LYS A 19 -14.28 -0.43 -2.20
C LYS A 19 -14.22 1.09 -2.19
N MET A 20 -15.05 1.74 -1.36
CA MET A 20 -15.00 3.19 -1.25
C MET A 20 -13.66 3.65 -0.71
N ILE A 21 -13.12 2.95 0.30
CA ILE A 21 -11.82 3.31 0.85
C ILE A 21 -10.74 3.14 -0.20
N ASP A 22 -10.80 2.06 -0.98
CA ASP A 22 -9.82 1.85 -2.05
C ASP A 22 -9.91 2.95 -3.09
N ARG A 23 -11.13 3.40 -3.42
CA ARG A 23 -11.29 4.48 -4.38
C ARG A 23 -10.68 5.78 -3.85
N ASN A 24 -10.91 6.08 -2.57
CA ASN A 24 -10.31 7.27 -1.98
C ASN A 24 -8.79 7.17 -1.96
N LEU A 25 -8.26 5.98 -1.67
CA LEU A 25 -6.82 5.77 -1.72
C LEU A 25 -6.27 5.97 -3.13
N ARG A 26 -6.99 5.48 -4.14
CA ARG A 26 -6.55 5.68 -5.51
C ARG A 26 -6.52 7.15 -5.88
N GLU A 27 -7.56 7.89 -5.47
CA GLU A 27 -7.58 9.33 -5.74
C GLU A 27 -6.42 10.04 -5.05
N ASP A 28 -6.17 9.71 -3.78
CA ASP A 28 -5.08 10.33 -3.05
C ASP A 28 -3.73 10.01 -3.68
N GLY A 29 -3.53 8.75 -4.07
CA GLY A 29 -2.28 8.38 -4.71
C GLY A 29 -2.09 9.03 -6.06
N GLU A 30 -3.17 9.18 -6.83
CA GLU A 30 -3.09 9.87 -8.11
C GLU A 30 -2.73 11.34 -7.92
N LYS A 31 -3.31 12.00 -6.91
CA LYS A 31 -2.97 13.40 -6.68
C LYS A 31 -1.65 13.57 -5.95
N ALA A 32 -1.09 12.50 -5.38
CA ALA A 32 0.19 12.61 -4.70
C ALA A 32 1.35 12.28 -5.63
N ALA A 33 1.15 11.37 -6.57
CA ALA A 33 2.21 11.02 -7.51
C ALA A 33 2.58 12.21 -8.39
N ARG A 34 1.58 12.97 -8.85
CA ARG A 34 1.85 14.15 -9.66
C ARG A 34 2.61 15.22 -8.89
N GLU A 35 2.51 15.23 -7.56
CA GLU A 35 3.32 16.14 -6.76
C GLU A 35 4.78 15.73 -6.82
N VAL A 36 5.66 16.73 -6.74
CA VAL A 36 7.10 16.54 -6.84
C VAL A 36 7.68 16.71 -5.45
N LYS A 37 8.43 15.72 -4.99
CA LYS A 37 9.05 15.75 -3.67
C LYS A 37 10.55 15.99 -3.82
N LEU A 38 11.02 17.12 -3.28
CA LEU A 38 12.41 17.54 -3.37
C LEU A 38 13.02 17.43 -1.98
N LEU A 39 13.99 16.53 -1.82
CA LEU A 39 14.65 16.34 -0.53
C LEU A 39 15.73 17.39 -0.35
N LEU A 40 15.53 18.30 0.60
CA LEU A 40 16.52 19.33 0.86
C LEU A 40 17.52 18.83 1.90
N LEU A 41 18.80 19.07 1.65
CA LEU A 41 19.87 18.68 2.55
C LEU A 41 20.86 19.84 2.64
N GLY A 42 22.01 19.58 3.23
CA GLY A 42 23.03 20.60 3.35
C GLY A 42 24.00 20.24 4.47
N ALA A 43 24.98 21.12 4.64
CA ALA A 43 26.00 20.97 5.66
C ALA A 43 25.65 21.82 6.87
N GLY A 44 26.55 21.86 7.84
CA GLY A 44 26.36 22.63 9.05
C GLY A 44 26.22 24.13 8.81
N GLU A 45 25.23 24.75 9.44
CA GLU A 45 24.98 26.18 9.34
C GLU A 45 24.76 26.61 7.89
N SER A 46 24.08 25.77 7.12
CA SER A 46 23.77 26.09 5.74
C SER A 46 22.63 27.09 5.67
N GLY A 47 22.51 27.74 4.51
CA GLY A 47 21.45 28.70 4.29
C GLY A 47 20.14 28.06 3.87
N LYS A 48 19.79 26.95 4.52
CA LYS A 48 18.55 26.25 4.19
C LYS A 48 17.34 27.13 4.49
N SER A 49 17.35 27.81 5.63
CA SER A 49 16.25 28.73 5.94
C SER A 49 16.18 29.86 4.92
N THR A 50 17.33 30.37 4.49
CA THR A 50 17.36 31.44 3.50
C THR A 50 16.76 30.99 2.17
N ILE A 51 17.16 29.80 1.71
CA ILE A 51 16.67 29.34 0.42
C ILE A 51 15.20 28.95 0.51
N VAL A 52 14.74 28.51 1.69
CA VAL A 52 13.31 28.27 1.87
C VAL A 52 12.54 29.58 1.82
N LYS A 53 13.06 30.62 2.48
CA LYS A 53 12.40 31.93 2.45
C LYS A 53 12.39 32.53 1.05
N GLN A 54 13.42 32.23 0.25
CA GLN A 54 13.44 32.72 -1.13
C GLN A 54 12.28 32.15 -1.93
N MET A 55 11.98 30.86 -1.74
CA MET A 55 10.85 30.25 -2.40
C MET A 55 9.54 30.83 -1.87
N LYS A 56 8.59 31.03 -2.78
CA LYS A 56 7.28 31.59 -2.45
C LYS A 56 7.40 32.94 -1.74
N THR A 184 11.37 20.93 15.75
CA THR A 184 11.03 19.51 15.73
C THR A 184 11.98 18.74 14.81
N GLY A 185 11.43 18.05 13.83
CA GLY A 185 12.22 17.32 12.86
C GLY A 185 12.15 17.90 11.47
N ILE A 186 11.38 17.26 10.60
CA ILE A 186 11.19 17.74 9.24
C ILE A 186 10.29 18.97 9.28
N VAL A 187 10.61 19.96 8.46
CA VAL A 187 9.69 21.07 8.23
C VAL A 187 9.28 21.09 6.76
N GLU A 188 8.17 20.43 6.46
CA GLU A 188 7.70 20.33 5.09
C GLU A 188 7.28 21.70 4.57
N THR A 189 7.50 21.92 3.28
CA THR A 189 7.17 23.18 2.63
C THR A 189 6.19 22.93 1.51
N HIS A 190 5.08 23.66 1.52
CA HIS A 190 4.05 23.59 0.49
C HIS A 190 4.16 24.83 -0.38
N PHE A 191 4.33 24.64 -1.69
CA PHE A 191 4.23 25.74 -2.63
C PHE A 191 4.09 25.19 -4.04
N THR A 192 3.36 25.92 -4.87
CA THR A 192 3.11 25.56 -6.26
C THR A 192 3.77 26.59 -7.17
N PHE A 193 4.45 26.11 -8.21
CA PHE A 193 5.04 26.99 -9.21
C PHE A 193 4.74 26.42 -10.59
N LYS A 194 4.16 27.26 -11.46
CA LYS A 194 3.79 26.86 -12.82
C LYS A 194 2.95 25.59 -12.82
N ASP A 195 1.90 25.60 -11.99
CA ASP A 195 0.97 24.47 -11.85
C ASP A 195 1.72 23.19 -11.49
N LEU A 196 2.45 23.26 -10.39
CA LEU A 196 3.22 22.11 -9.93
C LEU A 196 3.44 22.26 -8.43
N HIS A 197 2.78 21.42 -7.64
CA HIS A 197 2.93 21.45 -6.19
C HIS A 197 4.23 20.74 -5.81
N PHE A 198 5.12 21.48 -5.14
CA PHE A 198 6.42 20.96 -4.75
C PHE A 198 6.42 20.56 -3.28
N LYS A 199 7.25 19.58 -2.97
CA LYS A 199 7.48 19.13 -1.59
C LYS A 199 8.95 19.42 -1.26
N MET A 200 9.18 20.22 -0.23
CA MET A 200 10.53 20.61 0.16
C MET A 200 10.73 20.32 1.64
N PHE A 201 11.78 19.58 1.96
CA PHE A 201 11.94 18.93 3.26
C PHE A 201 13.30 19.30 3.84
N ASP A 202 13.32 20.27 4.75
CA ASP A 202 14.56 20.72 5.38
C ASP A 202 14.95 19.72 6.46
N VAL A 203 15.45 18.57 6.00
CA VAL A 203 15.83 17.49 6.92
C VAL A 203 17.13 17.77 7.64
N GLY A 204 17.88 18.80 7.23
CA GLY A 204 19.15 19.11 7.85
C GLY A 204 19.07 19.37 9.35
N GLY A 205 17.91 19.78 9.84
CA GLY A 205 17.72 19.96 11.27
C GLY A 205 17.21 18.72 11.96
N GLN A 206 17.99 17.64 11.93
CA GLN A 206 17.61 16.39 12.57
C GLN A 206 18.57 15.97 13.67
N ARG A 207 19.88 16.07 13.42
CA ARG A 207 20.92 15.73 14.40
C ARG A 207 20.78 14.26 14.84
N SER A 208 20.97 13.36 13.88
CA SER A 208 20.93 11.93 14.14
C SER A 208 21.76 11.23 13.06
N GLU A 209 21.75 9.89 13.10
CA GLU A 209 22.50 9.10 12.13
C GLU A 209 21.73 9.04 10.82
N ARG A 210 22.34 9.58 9.76
CA ARG A 210 21.65 9.67 8.48
C ARG A 210 21.34 8.29 7.91
N LYS A 211 22.37 7.44 7.81
CA LYS A 211 22.26 6.17 7.11
C LYS A 211 21.23 5.24 7.75
N LYS A 212 20.61 5.72 8.83
CA LYS A 212 19.59 4.95 9.53
C LYS A 212 18.17 5.28 9.10
N TRP A 213 17.90 6.51 8.68
CA TRP A 213 16.58 6.88 8.17
C TRP A 213 16.59 7.40 6.74
N ILE A 214 17.76 7.57 6.12
CA ILE A 214 17.81 8.08 4.75
C ILE A 214 17.20 7.09 3.77
N HIS A 215 17.07 5.82 4.15
CA HIS A 215 16.37 4.87 3.30
C HIS A 215 14.89 5.21 3.15
N CYS A 216 14.31 5.91 4.12
CA CYS A 216 12.92 6.34 4.01
C CYS A 216 12.71 7.36 2.91
N PHE A 217 13.77 8.04 2.48
CA PHE A 217 13.68 9.08 1.47
C PHE A 217 13.99 8.57 0.06
N GLU A 218 13.92 7.26 -0.15
CA GLU A 218 14.12 6.72 -1.49
C GLU A 218 12.96 7.13 -2.38
N GLY A 219 13.28 7.46 -3.64
CA GLY A 219 12.27 7.81 -4.61
C GLY A 219 11.97 9.29 -4.72
N VAL A 220 12.65 10.14 -3.96
CA VAL A 220 12.47 11.58 -4.13
C VAL A 220 12.87 11.98 -5.54
N THR A 221 12.15 12.95 -6.10
CA THR A 221 12.42 13.38 -7.47
C THR A 221 13.81 13.99 -7.58
N ALA A 222 14.22 14.76 -6.58
CA ALA A 222 15.56 15.33 -6.57
C ALA A 222 16.00 15.61 -5.14
N ILE A 223 17.30 15.79 -4.97
CA ILE A 223 17.91 16.07 -3.68
C ILE A 223 18.52 17.46 -3.78
N ILE A 224 17.85 18.46 -3.19
CA ILE A 224 18.38 19.82 -3.22
C ILE A 224 19.54 19.91 -2.24
N PHE A 225 20.76 19.93 -2.75
CA PHE A 225 21.95 20.03 -1.92
C PHE A 225 22.31 21.49 -1.68
N CYS A 226 22.81 21.75 -0.48
CA CYS A 226 23.16 23.11 -0.05
C CYS A 226 24.60 23.12 0.41
N VAL A 227 25.45 23.88 -0.26
CA VAL A 227 26.84 24.06 0.13
C VAL A 227 27.14 25.54 0.19
N ALA A 228 27.62 26.00 1.35
CA ALA A 228 28.01 27.39 1.51
C ALA A 228 29.37 27.61 0.87
N LEU A 229 29.42 28.44 -0.17
CA LEU A 229 30.68 28.72 -0.85
C LEU A 229 31.65 29.43 0.09
N SER A 230 31.20 30.53 0.70
CA SER A 230 32.10 31.44 1.41
C SER A 230 32.80 30.77 2.59
N ASP A 231 32.26 29.66 3.10
CA ASP A 231 32.85 28.98 4.25
C ASP A 231 33.93 28.00 3.80
N TYR A 232 34.90 28.51 3.04
CA TYR A 232 35.98 27.66 2.57
C TYR A 232 37.17 27.65 3.53
N ASP A 233 37.53 28.82 4.09
CA ASP A 233 38.59 28.85 5.09
C ASP A 233 38.19 28.18 6.39
N LEU A 234 36.89 28.10 6.67
CA LEU A 234 36.41 27.47 7.90
C LEU A 234 36.60 25.96 7.86
N MET A 242 39.45 19.80 11.28
CA MET A 242 38.27 19.61 10.43
C MET A 242 37.84 20.93 9.80
N ASN A 243 37.39 20.87 8.56
CA ASN A 243 36.96 22.06 7.83
C ASN A 243 35.62 21.80 7.14
N ARG A 244 34.85 22.88 7.00
CA ARG A 244 33.47 22.75 6.56
C ARG A 244 33.37 22.24 5.13
N MET A 245 34.25 22.70 4.23
CA MET A 245 34.17 22.28 2.83
C MET A 245 34.43 20.78 2.69
N HIS A 246 35.48 20.27 3.33
CA HIS A 246 35.76 18.85 3.21
C HIS A 246 34.73 18.00 3.96
N GLU A 247 34.19 18.51 5.07
CA GLU A 247 33.09 17.80 5.71
C GLU A 247 31.89 17.70 4.78
N SER A 248 31.56 18.81 4.09
CA SER A 248 30.47 18.79 3.14
C SER A 248 30.77 17.91 1.94
N MET A 249 32.04 17.83 1.53
CA MET A 249 32.41 16.95 0.43
C MET A 249 32.22 15.49 0.81
N LYS A 250 32.61 15.12 2.04
CA LYS A 250 32.35 13.76 2.51
C LYS A 250 30.85 13.48 2.58
N LEU A 251 30.09 14.46 3.06
CA LEU A 251 28.63 14.32 3.09
C LEU A 251 28.07 14.11 1.69
N PHE A 252 28.55 14.89 0.72
CA PHE A 252 28.07 14.76 -0.65
C PHE A 252 28.46 13.41 -1.23
N ASP A 253 29.69 12.97 -0.98
CA ASP A 253 30.12 11.67 -1.50
C ASP A 253 29.22 10.56 -0.97
N SER A 254 28.95 10.58 0.34
CA SER A 254 28.06 9.58 0.91
C SER A 254 26.66 9.67 0.28
N ILE A 255 26.09 10.87 0.24
CA ILE A 255 24.71 11.02 -0.20
C ILE A 255 24.56 10.60 -1.66
N CYS A 256 25.46 11.07 -2.52
CA CYS A 256 25.37 10.75 -3.94
C CYS A 256 25.70 9.29 -4.22
N ASN A 257 26.52 8.66 -3.38
CA ASN A 257 26.88 7.27 -3.58
C ASN A 257 26.10 6.32 -2.67
N ASN A 258 25.12 6.82 -1.93
CA ASN A 258 24.21 5.94 -1.19
C ASN A 258 23.45 5.05 -2.15
N LYS A 259 23.21 3.81 -1.72
CA LYS A 259 22.52 2.84 -2.57
C LYS A 259 21.06 3.19 -2.78
N TRP A 260 20.45 3.99 -1.89
CA TRP A 260 19.05 4.33 -2.04
C TRP A 260 18.83 5.36 -3.13
N PHE A 261 19.84 6.18 -3.43
CA PHE A 261 19.74 7.25 -4.41
C PHE A 261 20.54 6.93 -5.67
N THR A 262 20.46 5.67 -6.10
CA THR A 262 21.15 5.23 -7.31
C THR A 262 20.71 6.01 -8.54
N ASP A 263 19.43 6.39 -8.61
CA ASP A 263 18.90 7.02 -9.81
C ASP A 263 18.26 8.38 -9.58
N THR A 264 18.27 8.89 -8.35
CA THR A 264 17.65 10.17 -8.06
C THR A 264 18.64 11.29 -8.32
N SER A 265 18.30 12.21 -9.22
CA SER A 265 19.19 13.30 -9.57
C SER A 265 19.33 14.28 -8.41
N ILE A 266 20.44 14.99 -8.38
CA ILE A 266 20.75 15.95 -7.33
C ILE A 266 20.85 17.35 -7.96
N ILE A 267 20.10 18.29 -7.42
CA ILE A 267 20.10 19.66 -7.89
C ILE A 267 21.01 20.42 -6.92
N LEU A 268 22.29 20.48 -7.24
CA LEU A 268 23.25 21.11 -6.35
C LEU A 268 23.10 22.62 -6.36
N PHE A 269 23.18 23.23 -5.18
CA PHE A 269 23.15 24.68 -5.02
C PHE A 269 24.42 25.16 -4.34
N LEU A 270 24.94 26.28 -4.81
CA LEU A 270 26.07 26.96 -4.19
C LEU A 270 25.64 28.37 -3.81
N ASN A 271 25.90 28.75 -2.56
CA ASN A 271 25.35 29.96 -1.99
C ASN A 271 26.43 31.03 -1.78
N LYS A 272 25.99 32.28 -1.77
CA LYS A 272 26.82 33.44 -1.43
C LYS A 272 27.98 33.61 -2.41
N LYS A 273 27.64 33.74 -3.69
CA LYS A 273 28.68 33.89 -4.71
C LYS A 273 29.45 35.18 -4.52
N ASP A 274 28.77 36.27 -4.16
CA ASP A 274 29.44 37.55 -4.02
C ASP A 274 30.41 37.55 -2.84
N LEU A 275 29.97 37.02 -1.70
CA LEU A 275 30.86 36.93 -0.55
C LEU A 275 32.02 35.99 -0.83
N PHE A 276 31.76 34.89 -1.55
CA PHE A 276 32.85 33.99 -1.92
C PHE A 276 33.85 34.68 -2.83
N GLU A 277 33.37 35.48 -3.78
CA GLU A 277 34.28 36.22 -4.64
C GLU A 277 35.12 37.21 -3.85
N GLU A 278 34.48 37.92 -2.91
CA GLU A 278 35.24 38.86 -2.08
C GLU A 278 36.29 38.14 -1.26
N LYS A 279 35.93 36.99 -0.69
CA LYS A 279 36.89 36.24 0.13
C LYS A 279 38.01 35.64 -0.72
N ILE A 280 37.72 35.25 -1.96
CA ILE A 280 38.76 34.73 -2.84
C ILE A 280 39.71 35.85 -3.24
N LYS A 281 39.17 37.04 -3.51
CA LYS A 281 40.04 38.19 -3.78
C LYS A 281 40.90 38.52 -2.57
N LYS A 282 40.34 38.32 -1.36
CA LYS A 282 41.12 38.58 -0.15
C LYS A 282 42.23 37.54 0.02
N SER A 283 41.91 36.26 -0.10
CA SER A 283 42.84 35.18 0.14
C SER A 283 42.66 34.08 -0.91
N PRO A 284 43.74 33.41 -1.31
CA PRO A 284 43.62 32.39 -2.35
C PRO A 284 42.92 31.13 -1.86
N LEU A 285 42.29 30.43 -2.81
CA LEU A 285 41.55 29.21 -2.54
C LEU A 285 42.46 28.01 -2.28
N THR A 286 43.77 28.15 -2.53
CA THR A 286 44.70 27.03 -2.39
C THR A 286 44.73 26.47 -0.98
N ILE A 287 44.35 27.27 0.02
CA ILE A 287 44.36 26.80 1.40
C ILE A 287 43.44 25.59 1.56
N CYS A 288 42.24 25.67 1.00
CA CYS A 288 41.31 24.54 1.08
C CYS A 288 41.73 23.41 0.15
N TYR A 289 42.20 23.75 -1.05
CA TYR A 289 42.56 22.75 -2.05
C TYR A 289 44.08 22.71 -2.24
N PRO A 290 44.76 21.70 -1.68
CA PRO A 290 46.21 21.59 -1.94
C PRO A 290 46.55 21.29 -3.39
N GLU A 291 45.61 20.76 -4.17
CA GLU A 291 45.85 20.39 -5.56
C GLU A 291 45.42 21.47 -6.54
N TYR A 292 45.07 22.66 -6.05
CA TYR A 292 44.65 23.74 -6.93
C TYR A 292 45.80 24.15 -7.84
N ALA A 293 45.47 24.48 -9.09
CA ALA A 293 46.47 24.85 -10.09
C ALA A 293 46.24 26.21 -10.71
N GLY A 294 45.07 26.83 -10.51
CA GLY A 294 44.76 28.12 -11.10
C GLY A 294 45.17 29.27 -10.22
N SER A 295 44.62 30.45 -10.55
CA SER A 295 44.91 31.70 -9.87
C SER A 295 43.65 32.18 -9.14
N ASN A 296 43.73 33.40 -8.59
CA ASN A 296 42.64 33.98 -7.82
C ASN A 296 41.78 34.85 -8.74
N THR A 297 40.88 34.19 -9.47
CA THR A 297 39.88 34.88 -10.28
C THR A 297 38.54 34.17 -10.12
N TYR A 298 37.46 34.95 -10.29
CA TYR A 298 36.13 34.43 -10.00
C TYR A 298 35.77 33.26 -10.90
N GLU A 299 35.93 33.43 -12.21
CA GLU A 299 35.49 32.41 -13.15
C GLU A 299 36.25 31.11 -12.95
N GLU A 300 37.58 31.20 -12.84
CA GLU A 300 38.38 30.00 -12.68
C GLU A 300 38.12 29.33 -11.33
N ALA A 301 37.95 30.11 -10.27
CA ALA A 301 37.68 29.52 -8.96
C ALA A 301 36.34 28.79 -8.96
N ALA A 302 35.31 29.43 -9.52
CA ALA A 302 34.00 28.80 -9.59
C ALA A 302 34.03 27.54 -10.42
N ALA A 303 34.72 27.59 -11.57
CA ALA A 303 34.83 26.41 -12.42
C ALA A 303 35.55 25.29 -11.70
N TYR A 304 36.62 25.63 -10.96
CA TYR A 304 37.38 24.60 -10.25
C TYR A 304 36.54 23.91 -9.19
N ILE A 305 35.83 24.69 -8.37
CA ILE A 305 35.04 24.06 -7.31
C ILE A 305 33.88 23.28 -7.90
N GLN A 306 33.27 23.81 -8.98
CA GLN A 306 32.18 23.10 -9.64
C GLN A 306 32.64 21.75 -10.17
N CYS A 307 33.77 21.73 -10.88
CA CYS A 307 34.24 20.48 -11.45
C CYS A 307 34.69 19.51 -10.36
N GLN A 308 35.27 20.02 -9.28
CA GLN A 308 35.64 19.16 -8.17
C GLN A 308 34.42 18.49 -7.58
N PHE A 309 33.34 19.25 -7.35
CA PHE A 309 32.12 18.65 -6.81
C PHE A 309 31.50 17.67 -7.80
N GLU A 310 31.49 18.01 -9.09
CA GLU A 310 30.89 17.14 -10.09
C GLU A 310 31.63 15.81 -10.21
N ASP A 311 32.96 15.84 -10.13
CA ASP A 311 33.74 14.62 -10.28
C ASP A 311 33.53 13.65 -9.14
N LEU A 312 32.88 14.06 -8.06
CA LEU A 312 32.71 13.22 -6.88
C LEU A 312 31.80 12.01 -7.14
N ASN A 313 30.99 12.05 -8.21
CA ASN A 313 30.07 10.95 -8.45
C ASN A 313 30.79 9.71 -8.94
N LYS A 314 30.50 8.57 -8.32
CA LYS A 314 31.06 7.31 -8.79
C LYS A 314 30.38 6.86 -10.08
N ARG A 315 29.09 7.16 -10.24
CA ARG A 315 28.38 6.88 -11.46
C ARG A 315 27.78 8.18 -11.97
N LYS A 316 27.84 8.39 -13.28
CA LYS A 316 27.34 9.62 -13.89
C LYS A 316 26.33 9.37 -15.01
N ASP A 317 26.12 8.11 -15.40
CA ASP A 317 25.17 7.80 -16.46
C ASP A 317 23.74 7.70 -15.93
N THR A 318 23.56 7.14 -14.73
CA THR A 318 22.22 6.99 -14.17
C THR A 318 21.66 8.31 -13.64
N LYS A 319 22.51 9.16 -13.08
CA LYS A 319 22.09 10.42 -12.48
C LYS A 319 22.76 11.59 -13.18
N GLU A 320 22.47 12.79 -12.66
CA GLU A 320 23.11 14.01 -13.12
C GLU A 320 23.20 14.98 -11.96
N ILE A 321 24.16 15.89 -12.03
CA ILE A 321 24.37 16.91 -11.01
C ILE A 321 24.16 18.27 -11.66
N TYR A 322 23.11 18.96 -11.26
CA TYR A 322 22.81 20.29 -11.78
C TYR A 322 23.25 21.32 -10.76
N THR A 323 24.10 22.25 -11.19
CA THR A 323 24.68 23.25 -10.30
C THR A 323 24.19 24.63 -10.68
N HIS A 324 23.83 25.43 -9.67
CA HIS A 324 23.44 26.81 -9.87
C HIS A 324 24.11 27.66 -8.81
N PHE A 325 24.95 28.59 -9.24
CA PHE A 325 25.54 29.57 -8.33
C PHE A 325 24.47 30.60 -8.00
N THR A 326 24.04 30.63 -6.74
CA THR A 326 22.97 31.51 -6.32
C THR A 326 23.41 32.40 -5.17
N CYS A 327 22.76 33.55 -5.08
CA CYS A 327 23.07 34.53 -4.04
C CYS A 327 21.79 35.00 -3.36
N ALA A 328 21.88 36.02 -2.51
CA ALA A 328 20.71 36.53 -1.81
C ALA A 328 19.73 37.18 -2.77
N THR A 329 20.23 38.03 -3.66
CA THR A 329 19.39 38.75 -4.61
C THR A 329 19.23 38.02 -5.94
N ASP A 330 18.85 36.75 -5.87
CA ASP A 330 18.67 35.91 -7.05
C ASP A 330 17.24 35.37 -7.05
N THR A 331 16.35 36.07 -7.75
CA THR A 331 14.96 35.63 -7.86
C THR A 331 14.79 34.45 -8.79
N LYS A 332 15.73 34.24 -9.73
CA LYS A 332 15.64 33.17 -10.71
C LYS A 332 15.84 31.78 -10.10
N ASN A 333 15.97 31.68 -8.78
CA ASN A 333 16.20 30.38 -8.15
C ASN A 333 15.01 29.45 -8.36
N VAL A 334 13.79 29.97 -8.22
CA VAL A 334 12.62 29.15 -8.47
C VAL A 334 12.56 28.74 -9.93
N GLN A 335 13.00 29.61 -10.84
CA GLN A 335 13.04 29.24 -12.25
C GLN A 335 14.02 28.10 -12.51
N PHE A 336 15.21 28.17 -11.88
CA PHE A 336 16.17 27.08 -12.07
C PHE A 336 15.67 25.79 -11.44
N VAL A 337 15.03 25.88 -10.27
CA VAL A 337 14.46 24.69 -9.65
C VAL A 337 13.41 24.07 -10.56
N PHE A 338 12.55 24.92 -11.15
CA PHE A 338 11.54 24.43 -12.07
C PHE A 338 12.18 23.74 -13.27
N ASP A 339 13.22 24.36 -13.85
CA ASP A 339 13.86 23.78 -15.02
C ASP A 339 14.51 22.44 -14.69
N ALA A 340 15.19 22.36 -13.54
CA ALA A 340 15.83 21.11 -13.16
C ALA A 340 14.80 20.03 -12.87
N VAL A 341 13.68 20.39 -12.24
CA VAL A 341 12.61 19.43 -12.01
C VAL A 341 12.01 18.96 -13.33
N THR A 342 11.86 19.87 -14.29
CA THR A 342 11.37 19.45 -15.61
C THR A 342 12.32 18.47 -16.28
N ASP A 343 13.63 18.76 -16.22
CA ASP A 343 14.60 17.86 -16.83
C ASP A 343 14.57 16.49 -16.16
N VAL A 344 14.54 16.47 -14.82
CA VAL A 344 14.54 15.19 -14.14
C VAL A 344 13.24 14.44 -14.40
N ILE A 345 12.09 15.13 -14.43
CA ILE A 345 10.84 14.42 -14.63
C ILE A 345 10.72 13.93 -16.07
N ILE A 346 11.34 14.62 -17.02
CA ILE A 346 11.45 14.07 -18.37
C ILE A 346 12.25 12.76 -18.33
N LYS A 347 13.37 12.77 -17.59
CA LYS A 347 14.09 11.54 -17.33
C LYS A 347 13.19 10.44 -16.77
N ASN A 348 12.43 10.74 -15.71
CA ASN A 348 11.63 9.70 -15.06
C ASN A 348 10.56 9.17 -15.99
N ASN A 349 9.88 10.06 -16.71
CA ASN A 349 8.81 9.62 -17.61
C ASN A 349 9.37 8.77 -18.74
N LEU A 350 10.53 9.16 -19.27
CA LEU A 350 11.14 8.35 -20.32
C LEU A 350 11.58 6.99 -19.80
N LYS A 351 12.06 6.94 -18.55
CA LYS A 351 12.35 5.65 -17.93
C LYS A 351 11.10 4.80 -17.81
N ASP A 352 10.01 5.39 -17.33
CA ASP A 352 8.79 4.64 -17.10
C ASP A 352 8.18 4.12 -18.40
N CYS A 353 8.18 4.95 -19.45
CA CYS A 353 7.58 4.56 -20.72
C CYS A 353 8.30 3.41 -21.40
N GLY A 354 9.52 3.08 -20.97
CA GLY A 354 10.27 2.03 -21.61
C GLY A 354 10.85 2.41 -22.95
N LEU A 355 10.65 3.66 -23.39
CA LEU A 355 11.23 4.10 -24.66
C LEU A 355 12.76 4.03 -24.64
N PHE A 356 13.35 3.87 -23.47
CA PHE A 356 14.78 3.73 -23.33
C PHE A 356 15.29 2.40 -23.88
N GLU B 2 40.61 11.21 39.33
CA GLU B 2 39.17 11.30 39.23
C GLU B 2 38.63 10.47 38.05
N LEU B 3 38.73 11.05 36.86
CA LEU B 3 38.22 10.38 35.67
C LEU B 3 38.93 9.05 35.44
N ASP B 4 40.26 9.03 35.60
CA ASP B 4 41.01 7.80 35.39
C ASP B 4 40.62 6.73 36.39
N GLN B 5 40.49 7.10 37.67
CA GLN B 5 40.10 6.14 38.68
C GLN B 5 38.72 5.56 38.40
N LEU B 6 37.75 6.42 38.05
CA LEU B 6 36.41 5.92 37.81
C LEU B 6 36.35 5.05 36.55
N ARG B 7 37.05 5.43 35.49
CA ARG B 7 37.03 4.59 34.29
C ARG B 7 37.69 3.25 34.56
N GLN B 8 38.78 3.23 35.33
CA GLN B 8 39.49 1.97 35.56
C GLN B 8 38.69 1.06 36.49
N GLU B 9 37.98 1.63 37.47
CA GLU B 9 37.13 0.79 38.30
C GLU B 9 35.90 0.32 37.53
N ALA B 10 35.40 1.13 36.58
CA ALA B 10 34.33 0.65 35.71
C ALA B 10 34.80 -0.52 34.84
N GLU B 11 36.02 -0.43 34.31
CA GLU B 11 36.58 -1.53 33.55
C GLU B 11 36.76 -2.78 34.42
N GLN B 12 37.20 -2.59 35.66
CA GLN B 12 37.32 -3.71 36.59
C GLN B 12 35.97 -4.34 36.85
N LEU B 13 34.93 -3.52 37.02
CA LEU B 13 33.58 -4.04 37.24
C LEU B 13 33.10 -4.82 36.02
N LYS B 14 33.38 -4.30 34.82
CA LYS B 14 32.99 -5.01 33.61
C LYS B 14 33.70 -6.35 33.49
N ASN B 15 34.99 -6.39 33.81
CA ASN B 15 35.72 -7.65 33.82
C ASN B 15 35.12 -8.61 34.84
N GLN B 16 34.76 -8.09 36.02
CA GLN B 16 34.15 -8.94 37.05
C GLN B 16 32.82 -9.51 36.57
N ILE B 17 31.99 -8.69 35.94
CA ILE B 17 30.67 -9.18 35.54
C ILE B 17 30.80 -10.20 34.41
N ARG B 18 31.71 -9.98 33.46
CA ARG B 18 31.87 -10.97 32.39
C ARG B 18 32.46 -12.26 32.93
N ASP B 19 33.38 -12.18 33.89
CA ASP B 19 33.91 -13.39 34.52
C ASP B 19 32.82 -14.15 35.26
N ALA B 20 31.96 -13.43 35.97
CA ALA B 20 30.86 -14.07 36.70
C ALA B 20 29.86 -14.70 35.74
N ARG B 21 29.60 -14.04 34.61
CA ARG B 21 28.73 -14.64 33.59
C ARG B 21 29.35 -15.93 33.06
N LYS B 22 30.66 -15.91 32.79
CA LYS B 22 31.34 -17.13 32.38
C LYS B 22 31.25 -18.21 33.45
N ALA B 23 31.23 -17.81 34.72
CA ALA B 23 31.03 -18.77 35.79
C ALA B 23 29.64 -19.39 35.72
N CYS B 24 28.63 -18.60 35.39
CA CYS B 24 27.26 -19.12 35.32
C CYS B 24 27.06 -20.02 34.10
N ALA B 25 27.72 -19.70 32.99
CA ALA B 25 27.55 -20.47 31.74
C ALA B 25 28.29 -21.79 31.86
N ASP B 26 27.56 -22.81 32.34
CA ASP B 26 28.16 -24.13 32.49
C ASP B 26 28.01 -24.97 31.22
N ALA B 27 26.79 -25.03 30.67
CA ALA B 27 26.52 -25.79 29.47
C ALA B 27 25.62 -24.97 28.56
N THR B 28 25.98 -24.90 27.28
CA THR B 28 25.22 -24.09 26.34
C THR B 28 23.90 -24.77 25.97
N LEU B 29 22.99 -23.97 25.43
CA LEU B 29 21.68 -24.48 25.04
C LEU B 29 21.79 -25.57 23.99
N SER B 30 22.78 -25.48 23.11
CA SER B 30 22.97 -26.52 22.10
C SER B 30 23.22 -27.87 22.76
N GLN B 31 24.05 -27.89 23.80
CA GLN B 31 24.26 -29.13 24.54
C GLN B 31 23.03 -29.50 25.36
N ILE B 32 22.28 -28.52 25.87
CA ILE B 32 21.12 -28.82 26.70
C ILE B 32 20.06 -29.55 25.88
N THR B 33 19.76 -29.06 24.69
CA THR B 33 18.69 -29.64 23.87
C THR B 33 19.26 -30.64 22.87
N ASN B 34 19.62 -31.80 23.40
CA ASN B 34 20.08 -32.92 22.61
C ASN B 34 19.04 -34.03 22.64
N ASN B 35 18.98 -34.80 21.56
CA ASN B 35 18.02 -35.90 21.42
C ASN B 35 16.59 -35.40 21.57
N ILE B 36 16.27 -34.33 20.85
CA ILE B 36 14.93 -33.75 20.82
C ILE B 36 14.42 -33.80 19.38
N ASP B 37 13.13 -34.07 19.23
CA ASP B 37 12.54 -34.19 17.90
C ASP B 37 12.50 -32.83 17.22
N PRO B 38 13.13 -32.66 16.07
CA PRO B 38 13.04 -31.37 15.37
C PRO B 38 11.65 -31.12 14.83
N VAL B 39 11.33 -29.82 14.66
CA VAL B 39 10.03 -29.44 14.13
C VAL B 39 9.87 -29.86 12.68
N GLY B 40 10.98 -30.11 11.97
CA GLY B 40 10.92 -30.47 10.57
C GLY B 40 10.72 -29.25 9.68
N ARG B 41 10.66 -29.52 8.38
CA ARG B 41 10.45 -28.46 7.41
C ARG B 41 9.05 -27.88 7.56
N ILE B 42 8.96 -26.56 7.65
CA ILE B 42 7.68 -25.87 7.80
C ILE B 42 7.46 -25.00 6.58
N GLN B 43 6.38 -25.26 5.85
CA GLN B 43 5.99 -24.47 4.70
C GLN B 43 4.63 -23.85 4.96
N MET B 44 4.54 -22.54 4.73
CA MET B 44 3.30 -21.80 4.92
C MET B 44 3.03 -20.98 3.67
N ARG B 45 1.85 -21.16 3.08
CA ARG B 45 1.50 -20.49 1.85
C ARG B 45 0.88 -19.12 2.15
N THR B 46 0.81 -18.30 1.10
CA THR B 46 0.18 -16.99 1.21
C THR B 46 -1.33 -17.18 1.25
N ARG B 47 -1.91 -17.13 2.44
CA ARG B 47 -3.36 -17.21 2.54
C ARG B 47 -4.02 -15.95 1.98
N ARG B 48 -3.49 -14.78 2.32
CA ARG B 48 -4.05 -13.52 1.85
C ARG B 48 -2.92 -12.57 1.44
N THR B 49 -3.21 -11.74 0.44
CA THR B 49 -2.34 -10.67 0.01
C THR B 49 -3.15 -9.38 0.03
N LEU B 50 -2.90 -8.53 1.01
CA LEU B 50 -3.73 -7.35 1.25
C LEU B 50 -3.10 -6.18 0.50
N ARG B 51 -3.78 -5.72 -0.56
CA ARG B 51 -3.21 -4.81 -1.54
C ARG B 51 -3.71 -3.38 -1.43
N GLY B 52 -4.16 -2.94 -0.26
CA GLY B 52 -4.67 -1.57 -0.15
C GLY B 52 -3.62 -0.52 -0.40
N HIS B 53 -2.39 -0.76 0.04
CA HIS B 53 -1.40 0.30 0.07
C HIS B 53 -0.81 0.54 -1.32
N LEU B 54 -0.05 1.63 -1.43
CA LEU B 54 0.54 2.03 -2.70
C LEU B 54 2.02 2.37 -2.59
N ALA B 55 2.63 2.26 -1.42
CA ALA B 55 4.01 2.65 -1.22
C ALA B 55 4.64 1.72 -0.19
N LYS B 56 5.81 2.11 0.30
CA LYS B 56 6.56 1.25 1.22
C LYS B 56 5.82 1.09 2.55
N ILE B 57 5.86 -0.13 3.08
CA ILE B 57 5.25 -0.44 4.37
C ILE B 57 6.37 -0.59 5.38
N TYR B 58 6.30 0.19 6.45
CA TYR B 58 7.37 0.22 7.46
C TYR B 58 7.04 -0.60 8.70
N ALA B 59 5.79 -0.55 9.17
CA ALA B 59 5.44 -1.21 10.40
C ALA B 59 4.06 -1.84 10.27
N MET B 60 3.79 -2.81 11.12
CA MET B 60 2.50 -3.46 11.18
C MET B 60 2.38 -4.20 12.51
N HIS B 61 1.18 -4.14 13.09
CA HIS B 61 0.93 -4.71 14.41
C HIS B 61 -0.42 -5.41 14.42
N TRP B 62 -0.42 -6.70 14.74
CA TRP B 62 -1.66 -7.42 14.96
C TRP B 62 -2.41 -6.86 16.17
N GLY B 63 -3.69 -7.18 16.23
CA GLY B 63 -4.51 -6.77 17.35
C GLY B 63 -4.67 -7.86 18.38
N THR B 64 -5.16 -7.46 19.55
CA THR B 64 -5.45 -8.44 20.60
C THR B 64 -6.55 -9.39 20.16
N ASP B 65 -7.53 -8.90 19.40
CA ASP B 65 -8.59 -9.75 18.88
C ASP B 65 -8.10 -10.72 17.82
N SER B 66 -6.86 -10.57 17.36
CA SER B 66 -6.30 -11.39 16.29
C SER B 66 -7.10 -11.26 15.00
N ARG B 67 -7.73 -10.11 14.82
CA ARG B 67 -8.64 -9.88 13.71
C ARG B 67 -8.25 -8.69 12.84
N LEU B 68 -7.75 -7.61 13.42
CA LEU B 68 -7.47 -6.39 12.67
C LEU B 68 -5.97 -6.18 12.53
N LEU B 69 -5.58 -5.63 11.38
CA LEU B 69 -4.21 -5.26 11.07
C LEU B 69 -4.10 -3.75 10.96
N VAL B 70 -2.99 -3.20 11.46
CA VAL B 70 -2.65 -1.80 11.28
C VAL B 70 -1.35 -1.75 10.49
N SER B 71 -1.37 -1.05 9.36
CA SER B 71 -0.22 -1.01 8.46
C SER B 71 0.10 0.44 8.13
N ALA B 72 1.27 0.91 8.56
CA ALA B 72 1.77 2.19 8.11
C ALA B 72 2.23 2.09 6.67
N SER B 73 2.49 3.24 6.06
CA SER B 73 2.93 3.25 4.68
C SER B 73 3.76 4.50 4.43
N GLN B 74 4.45 4.51 3.29
CA GLN B 74 5.29 5.66 2.97
C GLN B 74 4.45 6.92 2.84
N ASP B 75 3.29 6.80 2.19
CA ASP B 75 2.34 7.90 2.09
C ASP B 75 1.59 8.07 3.42
N GLY B 76 0.78 9.12 3.48
CA GLY B 76 0.11 9.48 4.72
C GLY B 76 -1.03 8.56 5.12
N LYS B 77 -1.03 7.34 4.59
CA LYS B 77 -2.10 6.39 4.86
C LYS B 77 -1.67 5.41 5.96
N LEU B 78 -2.63 5.09 6.84
CA LEU B 78 -2.48 4.11 7.91
C LEU B 78 -3.68 3.19 7.90
N ILE B 79 -3.99 2.66 6.71
CA ILE B 79 -5.24 1.96 6.52
C ILE B 79 -5.28 0.70 7.36
N ILE B 80 -6.34 0.57 8.16
CA ILE B 80 -6.50 -0.54 9.09
C ILE B 80 -7.23 -1.67 8.38
N TRP B 81 -6.69 -2.87 8.47
CA TRP B 81 -7.14 -4.01 7.69
C TRP B 81 -7.89 -5.02 8.54
N ASP B 82 -8.77 -5.75 7.87
CA ASP B 82 -9.35 -6.97 8.39
C ASP B 82 -8.60 -8.14 7.77
N SER B 83 -8.66 -9.29 8.43
CA SER B 83 -7.85 -10.43 8.01
C SER B 83 -8.65 -11.45 7.20
N TYR B 84 -9.76 -11.95 7.75
CA TYR B 84 -10.55 -12.94 7.03
C TYR B 84 -11.13 -12.33 5.75
N THR B 85 -12.00 -11.34 5.89
CA THR B 85 -12.52 -10.59 4.76
C THR B 85 -11.64 -9.37 4.57
N THR B 86 -10.84 -9.37 3.50
CA THR B 86 -9.74 -8.42 3.40
C THR B 86 -10.27 -7.03 3.07
N ASN B 87 -11.03 -6.46 3.99
CA ASN B 87 -11.60 -5.14 3.80
C ASN B 87 -10.64 -4.09 4.36
N LYS B 88 -11.01 -2.83 4.20
CA LYS B 88 -10.26 -1.71 4.77
C LYS B 88 -11.20 -1.05 5.78
N VAL B 89 -11.05 -1.44 7.04
CA VAL B 89 -11.96 -0.96 8.08
C VAL B 89 -11.84 0.55 8.23
N HIS B 90 -10.62 1.07 8.24
CA HIS B 90 -10.40 2.50 8.41
C HIS B 90 -9.21 2.94 7.58
N ALA B 91 -9.27 4.16 7.08
CA ALA B 91 -8.18 4.78 6.33
C ALA B 91 -7.84 6.08 7.03
N ILE B 92 -6.64 6.16 7.60
CA ILE B 92 -6.24 7.27 8.45
C ILE B 92 -5.32 8.18 7.64
N PRO B 93 -5.74 9.40 7.30
CA PRO B 93 -4.88 10.34 6.54
C PRO B 93 -4.01 11.19 7.45
N LEU B 94 -2.94 10.58 7.96
CA LEU B 94 -2.03 11.26 8.87
C LEU B 94 -1.25 12.35 8.13
N ARG B 95 -0.64 13.25 8.91
CA ARG B 95 0.03 14.42 8.38
C ARG B 95 1.53 14.24 8.17
N SER B 96 2.22 13.58 9.10
CA SER B 96 3.66 13.36 8.98
C SER B 96 3.87 12.06 8.22
N SER B 97 3.94 12.18 6.89
CA SER B 97 3.88 11.00 6.03
C SER B 97 4.99 9.99 6.32
N TRP B 98 6.12 10.46 6.83
CA TRP B 98 7.29 9.62 7.05
C TRP B 98 7.15 8.92 8.40
N VAL B 99 6.49 7.77 8.37
CA VAL B 99 6.14 7.01 9.56
C VAL B 99 6.91 5.70 9.58
N MET B 100 7.20 5.23 10.80
CA MET B 100 7.89 3.96 11.02
C MET B 100 7.36 3.18 12.21
N THR B 101 6.19 3.52 12.75
CA THR B 101 5.64 2.81 13.89
C THR B 101 4.18 2.43 13.62
N CYS B 102 3.75 1.33 14.23
CA CYS B 102 2.34 0.94 14.26
C CYS B 102 2.05 0.36 15.63
N ALA B 103 1.26 1.07 16.43
CA ALA B 103 0.89 0.63 17.75
C ALA B 103 -0.63 0.44 17.80
N TYR B 104 -1.08 -0.73 18.22
CA TYR B 104 -2.49 -1.05 18.32
C TYR B 104 -2.82 -1.28 19.80
N ALA B 105 -3.77 -0.51 20.32
CA ALA B 105 -4.12 -0.63 21.72
C ALA B 105 -4.70 -2.01 22.02
N PRO B 106 -4.41 -2.56 23.20
CA PRO B 106 -4.94 -3.89 23.52
C PRO B 106 -6.46 -3.95 23.50
N SER B 107 -7.13 -2.88 23.91
CA SER B 107 -8.59 -2.84 23.88
C SER B 107 -9.13 -2.61 22.48
N GLY B 108 -8.27 -2.36 21.50
CA GLY B 108 -8.73 -2.12 20.14
C GLY B 108 -9.42 -0.79 19.95
N ASN B 109 -9.17 0.18 20.83
CA ASN B 109 -9.82 1.47 20.75
C ASN B 109 -8.93 2.56 20.18
N TYR B 110 -7.62 2.43 20.31
CA TYR B 110 -6.68 3.45 19.83
C TYR B 110 -5.64 2.80 18.95
N VAL B 111 -5.12 3.58 18.01
CA VAL B 111 -3.98 3.19 17.18
C VAL B 111 -3.02 4.37 17.13
N ALA B 112 -1.74 4.09 17.30
CA ALA B 112 -0.72 5.13 17.41
C ALA B 112 0.29 5.00 16.28
N CYS B 113 0.80 6.15 15.84
CA CYS B 113 1.84 6.18 14.82
C CYS B 113 2.88 7.22 15.20
N GLY B 114 4.13 6.92 14.90
CA GLY B 114 5.21 7.85 15.16
C GLY B 114 5.96 8.23 13.90
N GLY B 115 5.84 9.50 13.51
CA GLY B 115 6.51 9.97 12.32
C GLY B 115 7.98 10.24 12.56
N LEU B 116 8.67 10.62 11.48
CA LEU B 116 10.08 10.97 11.57
C LEU B 116 10.29 12.32 12.25
N ASP B 117 9.22 13.08 12.47
CA ASP B 117 9.31 14.42 13.04
C ASP B 117 9.24 14.42 14.56
N ASN B 118 9.66 13.33 15.21
CA ASN B 118 9.73 13.23 16.66
C ASN B 118 8.36 13.44 17.30
N ILE B 119 7.32 12.97 16.63
CA ILE B 119 5.95 13.09 17.11
C ILE B 119 5.28 11.72 17.06
N CYS B 120 4.66 11.33 18.16
CA CYS B 120 3.85 10.12 18.23
C CYS B 120 2.39 10.54 18.35
N SER B 121 1.58 10.15 17.37
CA SER B 121 0.19 10.58 17.28
C SER B 121 -0.72 9.43 17.67
N ILE B 122 -1.60 9.69 18.63
CA ILE B 122 -2.57 8.71 19.10
C ILE B 122 -3.89 8.95 18.37
N TYR B 123 -4.44 7.91 17.76
CA TYR B 123 -5.64 8.03 16.95
C TYR B 123 -6.78 7.26 17.59
N ASN B 124 -7.91 7.94 17.78
CA ASN B 124 -9.11 7.29 18.29
C ASN B 124 -9.81 6.53 17.18
N LEU B 125 -10.38 5.36 17.52
CA LEU B 125 -11.10 4.54 16.56
C LEU B 125 -12.58 4.48 16.86
N LYS B 126 -12.97 4.03 18.05
CA LYS B 126 -14.38 3.88 18.41
C LYS B 126 -14.84 5.19 19.05
N THR B 127 -15.40 6.07 18.23
CA THR B 127 -15.85 7.37 18.69
C THR B 127 -17.23 7.67 18.13
N ARG B 128 -17.97 8.51 18.84
CA ARG B 128 -19.18 9.09 18.28
C ARG B 128 -18.80 9.95 17.08
N GLU B 129 -19.73 10.08 16.13
CA GLU B 129 -19.45 10.72 14.85
C GLU B 129 -18.28 9.99 14.16
N GLY B 130 -18.58 8.76 13.77
CA GLY B 130 -17.56 7.81 13.36
C GLY B 130 -16.62 8.24 12.24
N ASN B 131 -15.38 8.51 12.62
CA ASN B 131 -14.22 8.62 11.76
C ASN B 131 -13.00 8.78 12.66
N VAL B 132 -11.84 8.38 12.15
CA VAL B 132 -10.62 8.43 12.95
C VAL B 132 -10.27 9.89 13.22
N ARG B 133 -9.98 10.20 14.48
CA ARG B 133 -9.64 11.55 14.90
C ARG B 133 -8.37 11.52 15.74
N VAL B 134 -7.65 12.64 15.71
CA VAL B 134 -6.40 12.77 16.47
C VAL B 134 -6.77 12.87 17.95
N SER B 135 -6.51 11.80 18.70
CA SER B 135 -6.75 11.85 20.14
C SER B 135 -5.77 12.80 20.83
N ARG B 136 -4.47 12.52 20.71
CA ARG B 136 -3.45 13.37 21.29
C ARG B 136 -2.22 13.35 20.40
N GLU B 137 -1.47 14.45 20.41
CA GLU B 137 -0.23 14.59 19.67
C GLU B 137 0.91 14.63 20.68
N LEU B 138 1.46 13.46 20.99
CA LEU B 138 2.51 13.36 21.99
C LEU B 138 3.80 13.97 21.47
N ALA B 139 4.32 14.96 22.19
CA ALA B 139 5.53 15.67 21.81
C ALA B 139 6.42 15.82 23.02
N GLY B 140 7.72 15.98 22.76
CA GLY B 140 8.68 16.12 23.82
C GLY B 140 9.99 15.43 23.51
N HIS B 141 10.01 14.65 22.43
CA HIS B 141 11.23 13.99 22.01
C HIS B 141 12.07 14.92 21.14
N THR B 142 13.35 14.59 21.03
CA THR B 142 14.27 15.29 20.14
C THR B 142 14.66 14.46 18.93
N GLY B 143 14.15 13.23 18.82
CA GLY B 143 14.50 12.36 17.72
C GLY B 143 13.29 11.61 17.21
N TYR B 144 13.46 11.04 16.02
CA TYR B 144 12.37 10.34 15.35
C TYR B 144 11.93 9.12 16.15
N LEU B 145 10.61 8.88 16.18
CA LEU B 145 10.06 7.74 16.88
C LEU B 145 10.29 6.47 16.08
N SER B 146 10.91 5.48 16.71
CA SER B 146 11.28 4.26 16.00
C SER B 146 10.23 3.16 16.12
N CYS B 147 9.75 2.89 17.33
CA CYS B 147 8.69 1.91 17.52
C CYS B 147 7.86 2.31 18.73
N CYS B 148 6.57 2.00 18.66
CA CYS B 148 5.63 2.36 19.71
C CYS B 148 4.83 1.13 20.11
N ARG B 149 4.52 1.02 21.40
CA ARG B 149 3.69 -0.06 21.91
C ARG B 149 2.59 0.54 22.75
N PHE B 150 1.78 -0.33 23.37
CA PHE B 150 0.71 0.12 24.24
C PHE B 150 0.71 -0.71 25.51
N LEU B 151 0.92 -0.06 26.66
CA LEU B 151 0.63 -0.69 27.94
C LEU B 151 -0.88 -0.93 28.07
N ASP B 152 -1.64 0.16 28.01
CA ASP B 152 -3.10 0.12 27.96
C ASP B 152 -3.57 1.37 27.24
N ASP B 153 -4.86 1.68 27.35
CA ASP B 153 -5.39 2.88 26.73
C ASP B 153 -4.89 4.16 27.41
N ASN B 154 -4.25 4.05 28.58
CA ASN B 154 -3.81 5.21 29.34
C ASN B 154 -2.33 5.51 29.18
N GLN B 155 -1.51 4.51 28.89
CA GLN B 155 -0.07 4.69 28.83
C GLN B 155 0.50 4.09 27.55
N ILE B 156 1.55 4.72 27.02
CA ILE B 156 2.20 4.29 25.80
C ILE B 156 3.71 4.43 25.97
N VAL B 157 4.45 3.41 25.55
CA VAL B 157 5.92 3.41 25.59
C VAL B 157 6.43 3.61 24.17
N THR B 158 7.35 4.58 24.02
CA THR B 158 7.77 5.04 22.70
C THR B 158 9.29 5.03 22.62
N SER B 159 9.83 4.30 21.65
CA SER B 159 11.25 4.37 21.37
C SER B 159 11.52 5.54 20.43
N SER B 160 12.67 6.19 20.63
CA SER B 160 12.96 7.42 19.91
C SER B 160 14.35 7.39 19.30
N GLY B 161 14.56 8.26 18.31
CA GLY B 161 15.84 8.31 17.63
C GLY B 161 16.97 8.72 18.55
N ASP B 162 16.75 9.78 19.33
CA ASP B 162 17.68 10.10 20.40
C ASP B 162 17.65 9.00 21.45
N THR B 163 18.77 8.84 22.16
CA THR B 163 18.93 7.67 23.00
C THR B 163 18.09 7.73 24.27
N THR B 164 16.76 7.75 24.09
CA THR B 164 15.86 7.77 25.24
C THR B 164 14.50 7.22 24.83
N CYS B 165 14.03 6.23 25.58
CA CYS B 165 12.64 5.80 25.51
C CYS B 165 11.80 6.67 26.44
N ALA B 166 10.50 6.37 26.50
CA ALA B 166 9.61 7.17 27.32
C ALA B 166 8.33 6.40 27.60
N LEU B 167 7.80 6.59 28.80
CA LEU B 167 6.46 6.13 29.16
C LEU B 167 5.59 7.37 29.25
N TRP B 168 4.61 7.48 28.36
CA TRP B 168 3.85 8.70 28.23
C TRP B 168 2.58 8.67 29.08
N ASP B 169 1.88 9.80 29.10
CA ASP B 169 0.54 9.89 29.63
C ASP B 169 -0.38 10.30 28.49
N ILE B 170 -1.55 9.66 28.42
CA ILE B 170 -2.42 9.89 27.27
C ILE B 170 -3.29 11.12 27.47
N GLU B 171 -3.86 11.29 28.68
CA GLU B 171 -4.70 12.45 28.94
C GLU B 171 -3.90 13.74 28.83
N THR B 172 -2.84 13.86 29.62
CA THR B 172 -1.95 15.00 29.56
C THR B 172 -0.74 14.63 28.71
N GLY B 173 -0.40 15.49 27.75
CA GLY B 173 0.65 15.16 26.80
C GLY B 173 2.01 14.96 27.41
N GLN B 174 2.23 15.45 28.63
CA GLN B 174 3.54 15.33 29.25
C GLN B 174 3.87 13.87 29.56
N GLN B 175 5.15 13.54 29.41
CA GLN B 175 5.63 12.19 29.72
C GLN B 175 5.93 12.06 31.21
N THR B 176 5.57 10.92 31.79
CA THR B 176 5.75 10.73 33.22
C THR B 176 7.16 10.26 33.59
N THR B 177 7.80 9.47 32.73
CA THR B 177 9.16 9.02 32.99
C THR B 177 9.98 9.12 31.71
N THR B 178 11.16 9.73 31.81
CA THR B 178 12.10 9.84 30.71
C THR B 178 13.13 8.73 30.84
N PHE B 179 13.19 7.85 29.86
CA PHE B 179 14.04 6.67 29.92
C PHE B 179 15.36 6.91 29.20
N THR B 180 16.12 7.89 29.70
CA THR B 180 17.41 8.26 29.13
C THR B 180 18.59 7.61 29.87
N GLY B 181 18.58 6.28 29.96
CA GLY B 181 19.68 5.57 30.56
C GLY B 181 20.44 4.74 29.56
N HIS B 182 20.50 5.22 28.32
CA HIS B 182 20.99 4.48 27.17
C HIS B 182 22.05 5.30 26.45
N THR B 183 22.63 4.70 25.40
CA THR B 183 23.58 5.39 24.55
C THR B 183 23.43 4.90 23.11
N GLY B 184 23.55 5.81 22.16
CA GLY B 184 23.38 5.49 20.76
C GLY B 184 22.01 5.91 20.24
N ASP B 185 21.33 5.00 19.54
CA ASP B 185 19.96 5.19 19.10
C ASP B 185 19.14 3.99 19.56
N VAL B 186 17.82 4.14 19.50
CA VAL B 186 16.89 3.12 19.99
C VAL B 186 15.93 2.75 18.86
N MET B 187 15.70 1.45 18.69
CA MET B 187 14.90 0.96 17.56
C MET B 187 13.66 0.17 17.95
N SER B 188 13.79 -0.83 18.81
CA SER B 188 12.70 -1.75 19.06
C SER B 188 12.40 -1.85 20.54
N LEU B 189 11.16 -2.23 20.84
CA LEU B 189 10.73 -2.47 22.20
C LEU B 189 9.48 -3.35 22.15
N SER B 190 9.49 -4.41 22.95
CA SER B 190 8.34 -5.30 23.04
C SER B 190 8.12 -5.61 24.51
N LEU B 191 6.88 -5.44 24.97
CA LEU B 191 6.57 -5.59 26.38
C LEU B 191 6.34 -7.06 26.73
N ALA B 192 6.42 -7.35 28.03
CA ALA B 192 6.14 -8.68 28.52
C ALA B 192 4.64 -8.94 28.49
N PRO B 193 4.23 -10.21 28.53
CA PRO B 193 2.79 -10.50 28.58
C PRO B 193 2.09 -9.87 29.77
N ASP B 194 2.80 -9.69 30.89
CA ASP B 194 2.23 -9.06 32.08
C ASP B 194 2.50 -7.56 32.12
N THR B 195 3.03 -6.97 31.06
CA THR B 195 3.18 -5.52 30.90
C THR B 195 3.92 -4.89 32.06
N ARG B 196 5.02 -5.52 32.47
CA ARG B 196 5.85 -5.06 33.58
C ARG B 196 7.24 -4.63 33.16
N LEU B 197 7.87 -5.37 32.25
CA LEU B 197 9.23 -5.10 31.81
C LEU B 197 9.27 -5.04 30.29
N PHE B 198 10.02 -4.08 29.75
CA PHE B 198 10.20 -3.96 28.32
C PHE B 198 11.66 -3.66 28.00
N VAL B 199 12.09 -4.05 26.81
CA VAL B 199 13.47 -3.92 26.40
C VAL B 199 13.61 -2.78 25.40
N SER B 200 14.86 -2.47 25.06
CA SER B 200 15.18 -1.37 24.15
C SER B 200 16.11 -1.87 23.06
N GLY B 201 15.83 -1.48 21.81
CA GLY B 201 16.63 -1.89 20.68
C GLY B 201 17.70 -0.88 20.32
N ALA B 202 18.94 -1.12 20.77
CA ALA B 202 20.00 -0.14 20.64
C ALA B 202 20.45 0.00 19.18
N CYS B 203 21.23 1.05 18.93
CA CYS B 203 21.99 1.18 17.70
C CYS B 203 23.45 0.78 17.88
N ASP B 204 23.83 0.32 19.08
CA ASP B 204 25.19 -0.11 19.36
C ASP B 204 25.21 -1.44 20.08
N ALA B 205 24.29 -2.34 19.74
CA ALA B 205 24.24 -3.70 20.26
C ALA B 205 24.13 -3.70 21.79
N SER B 206 23.03 -3.12 22.28
CA SER B 206 22.78 -3.03 23.72
C SER B 206 21.28 -3.21 23.96
N ALA B 207 20.86 -4.45 24.19
CA ALA B 207 19.47 -4.74 24.51
C ALA B 207 19.27 -4.53 25.99
N LYS B 208 18.66 -3.40 26.36
CA LYS B 208 18.50 -3.00 27.74
C LYS B 208 17.09 -3.33 28.21
N LEU B 209 16.98 -4.17 29.24
CA LEU B 209 15.72 -4.41 29.93
C LEU B 209 15.45 -3.29 30.90
N TRP B 210 14.22 -2.78 30.92
CA TRP B 210 13.87 -1.70 31.85
C TRP B 210 12.73 -2.13 32.75
N ASP B 211 12.36 -1.22 33.65
CA ASP B 211 11.25 -1.40 34.58
C ASP B 211 10.29 -0.24 34.39
N VAL B 212 9.02 -0.56 34.10
CA VAL B 212 8.08 0.49 33.72
C VAL B 212 7.79 1.42 34.89
N ARG B 213 7.77 0.90 36.12
CA ARG B 213 7.40 1.71 37.28
C ARG B 213 8.60 2.39 37.93
N GLU B 214 9.69 1.67 38.14
CA GLU B 214 10.85 2.27 38.80
C GLU B 214 11.49 3.34 37.92
N GLY B 215 11.98 2.96 36.75
CA GLY B 215 12.50 3.93 35.81
C GLY B 215 13.98 3.83 35.52
N MET B 216 14.56 2.65 35.63
CA MET B 216 15.97 2.45 35.32
C MET B 216 16.19 1.02 34.86
N CYS B 217 17.34 0.81 34.22
CA CYS B 217 17.66 -0.49 33.66
C CYS B 217 17.84 -1.53 34.76
N ARG B 218 17.73 -2.79 34.37
CA ARG B 218 17.94 -3.92 35.26
C ARG B 218 19.01 -4.87 34.76
N GLN B 219 19.14 -5.03 33.45
CA GLN B 219 20.04 -6.01 32.85
C GLN B 219 20.50 -5.50 31.50
N THR B 220 21.78 -5.19 31.37
CA THR B 220 22.34 -4.71 30.11
C THR B 220 22.92 -5.87 29.32
N PHE B 221 22.63 -5.91 28.02
CA PHE B 221 23.00 -7.02 27.16
C PHE B 221 23.87 -6.52 26.03
N THR B 222 24.88 -7.30 25.67
CA THR B 222 25.76 -7.04 24.55
C THR B 222 26.00 -8.37 23.83
N GLY B 223 26.69 -8.32 22.69
CA GLY B 223 26.98 -9.54 21.97
C GLY B 223 27.01 -9.39 20.46
N HIS B 224 26.42 -8.31 19.93
CA HIS B 224 26.52 -8.01 18.52
C HIS B 224 27.63 -6.98 18.27
N GLU B 225 28.05 -6.89 17.02
CA GLU B 225 29.08 -5.94 16.61
C GLU B 225 28.49 -4.77 15.82
N SER B 226 27.17 -4.70 15.67
CA SER B 226 26.53 -3.61 14.97
C SER B 226 25.18 -3.33 15.61
N ASP B 227 24.45 -2.37 15.05
CA ASP B 227 23.15 -1.99 15.59
C ASP B 227 22.17 -3.14 15.56
N ILE B 228 21.33 -3.21 16.59
CA ILE B 228 20.27 -4.20 16.69
C ILE B 228 18.95 -3.53 16.30
N ASN B 229 18.21 -4.16 15.38
CA ASN B 229 17.07 -3.51 14.78
C ASN B 229 15.75 -3.84 15.46
N ALA B 230 15.46 -5.13 15.65
CA ALA B 230 14.16 -5.54 16.16
C ALA B 230 14.32 -6.47 17.35
N ILE B 231 13.38 -6.38 18.29
CA ILE B 231 13.33 -7.25 19.46
C ILE B 231 11.91 -7.73 19.65
N CYS B 232 11.78 -8.98 20.11
CA CYS B 232 10.47 -9.54 20.47
C CYS B 232 10.64 -10.49 21.64
N PHE B 233 9.78 -10.37 22.64
CA PHE B 233 9.85 -11.23 23.81
C PHE B 233 9.39 -12.65 23.51
N PHE B 234 9.98 -13.59 24.24
CA PHE B 234 9.50 -14.95 24.28
C PHE B 234 8.11 -14.94 24.91
N PRO B 235 7.20 -15.84 24.50
CA PRO B 235 5.83 -15.79 25.06
C PRO B 235 5.77 -15.87 26.58
N ASN B 236 6.75 -16.48 27.23
CA ASN B 236 6.73 -16.48 28.70
C ASN B 236 7.06 -15.08 29.23
N GLY B 237 7.82 -14.30 28.49
CA GLY B 237 8.28 -13.02 28.97
C GLY B 237 9.56 -13.10 29.77
N ASN B 238 10.25 -14.24 29.72
CA ASN B 238 11.51 -14.45 30.42
C ASN B 238 12.72 -14.22 29.53
N ALA B 239 12.57 -14.38 28.22
CA ALA B 239 13.68 -14.25 27.29
C ALA B 239 13.22 -13.46 26.08
N PHE B 240 14.18 -13.08 25.26
CA PHE B 240 13.88 -12.42 24.00
C PHE B 240 15.04 -12.60 23.05
N ALA B 241 14.74 -12.58 21.76
CA ALA B 241 15.76 -12.67 20.72
C ALA B 241 15.75 -11.39 19.90
N THR B 242 16.95 -10.90 19.60
CA THR B 242 17.13 -9.62 18.95
C THR B 242 17.78 -9.81 17.58
N GLY B 243 17.29 -9.08 16.59
CA GLY B 243 17.82 -9.14 15.25
C GLY B 243 18.59 -7.91 14.87
N SER B 244 19.90 -8.06 14.66
CA SER B 244 20.76 -6.95 14.34
C SER B 244 20.95 -6.84 12.83
N ASP B 245 21.84 -5.95 12.40
CA ASP B 245 22.21 -5.80 11.01
C ASP B 245 23.33 -6.76 10.64
N ASP B 246 23.82 -7.55 11.60
CA ASP B 246 24.89 -8.51 11.37
C ASP B 246 24.38 -9.83 10.82
N ALA B 247 23.12 -9.87 10.35
CA ALA B 247 22.48 -11.09 9.88
C ALA B 247 22.42 -12.17 10.96
N THR B 248 22.46 -11.78 12.22
CA THR B 248 22.47 -12.71 13.34
C THR B 248 21.26 -12.47 14.23
N CYS B 249 20.48 -13.52 14.47
CA CYS B 249 19.43 -13.51 15.48
C CYS B 249 20.10 -13.99 16.76
N ARG B 250 19.93 -13.26 17.85
CA ARG B 250 20.60 -13.66 19.10
C ARG B 250 19.58 -13.66 20.23
N LEU B 251 19.43 -14.81 20.87
CA LEU B 251 18.40 -15.03 21.88
C LEU B 251 19.01 -14.91 23.27
N PHE B 252 18.43 -14.03 24.08
CA PHE B 252 18.91 -13.71 25.43
C PHE B 252 18.05 -14.41 26.48
N ASP B 253 18.29 -14.06 27.75
CA ASP B 253 17.38 -14.39 28.84
C ASP B 253 17.58 -13.37 29.95
N LEU B 254 16.59 -13.28 30.82
CA LEU B 254 16.58 -12.27 31.88
C LEU B 254 16.99 -12.81 33.24
N ARG B 255 17.34 -14.09 33.32
CA ARG B 255 17.79 -14.69 34.58
C ARG B 255 19.22 -15.21 34.52
N ALA B 256 19.87 -15.14 33.37
CA ALA B 256 21.31 -15.35 33.26
C ALA B 256 21.99 -14.15 32.60
N ASP B 257 21.20 -13.19 32.12
CA ASP B 257 21.61 -11.98 31.41
C ASP B 257 22.58 -12.24 30.28
N GLN B 258 22.60 -13.46 29.75
CA GLN B 258 23.59 -13.83 28.75
C GLN B 258 22.92 -14.55 27.60
N GLU B 259 23.70 -14.72 26.53
CA GLU B 259 23.23 -15.41 25.34
C GLU B 259 22.74 -16.82 25.67
N LEU B 260 21.75 -17.28 24.91
CA LEU B 260 21.45 -18.69 24.83
C LEU B 260 21.89 -19.31 23.51
N MET B 261 21.67 -18.63 22.39
CA MET B 261 22.11 -19.16 21.11
C MET B 261 21.94 -18.11 20.03
N THR B 262 22.85 -18.17 19.04
CA THR B 262 22.84 -17.32 17.87
C THR B 262 22.22 -18.06 16.68
N TYR B 263 21.63 -17.28 15.79
CA TYR B 263 21.01 -17.77 14.55
C TYR B 263 21.67 -17.05 13.38
N SER B 264 22.79 -17.59 12.90
CA SER B 264 23.51 -16.98 11.80
C SER B 264 23.83 -18.06 10.76
N HIS B 265 23.49 -17.78 9.51
CA HIS B 265 23.79 -18.68 8.41
C HIS B 265 24.80 -18.02 7.48
N ASP B 266 25.69 -18.84 6.91
CA ASP B 266 26.71 -18.32 6.02
C ASP B 266 26.11 -17.73 4.75
N ASN B 267 24.99 -18.29 4.27
CA ASN B 267 24.37 -17.81 3.05
C ASN B 267 23.85 -16.39 3.21
N ILE B 268 23.23 -16.08 4.35
CA ILE B 268 22.62 -14.78 4.57
C ILE B 268 23.66 -13.81 5.08
N ILE B 269 23.85 -12.71 4.34
CA ILE B 269 24.70 -11.60 4.77
C ILE B 269 23.86 -10.38 5.13
N CYS B 270 22.60 -10.34 4.70
CA CYS B 270 21.72 -9.21 4.95
C CYS B 270 21.15 -9.27 6.35
N GLY B 271 21.02 -8.11 6.99
CA GLY B 271 20.61 -8.02 8.36
C GLY B 271 19.12 -8.24 8.56
N ILE B 272 18.71 -8.18 9.82
CA ILE B 272 17.34 -8.43 10.25
C ILE B 272 16.64 -7.09 10.38
N THR B 273 15.46 -6.97 9.76
CA THR B 273 14.70 -5.74 9.93
C THR B 273 13.66 -5.88 11.02
N SER B 274 12.94 -6.99 11.02
CA SER B 274 11.92 -7.25 12.04
C SER B 274 11.98 -8.71 12.46
N VAL B 275 11.83 -8.94 13.76
CA VAL B 275 11.78 -10.29 14.34
C VAL B 275 10.55 -10.38 15.23
N SER B 276 9.88 -11.52 15.18
CA SER B 276 8.68 -11.74 16.00
C SER B 276 8.53 -13.22 16.25
N PHE B 277 8.45 -13.60 17.53
CA PHE B 277 8.28 -15.00 17.88
C PHE B 277 6.88 -15.47 17.52
N SER B 278 6.70 -16.79 17.54
CA SER B 278 5.40 -17.42 17.41
C SER B 278 4.97 -17.95 18.77
N LYS B 279 3.73 -18.43 18.83
CA LYS B 279 3.22 -19.01 20.07
C LYS B 279 4.04 -20.24 20.45
N SER B 280 4.18 -20.45 21.75
CA SER B 280 5.06 -21.43 22.36
C SER B 280 6.52 -21.10 22.10
N GLY B 281 6.82 -20.08 21.30
CA GLY B 281 8.17 -19.64 21.07
C GLY B 281 9.08 -20.64 20.42
N ARG B 282 8.53 -21.75 19.92
CA ARG B 282 9.34 -22.73 19.22
C ARG B 282 9.92 -22.14 17.94
N LEU B 283 9.10 -21.44 17.18
CA LEU B 283 9.57 -20.80 15.97
C LEU B 283 10.11 -19.41 16.29
N LEU B 284 10.94 -18.90 15.38
CA LEU B 284 11.54 -17.57 15.52
C LEU B 284 11.47 -16.92 14.14
N LEU B 285 10.38 -16.18 13.91
CA LEU B 285 10.18 -15.54 12.63
C LEU B 285 10.90 -14.21 12.59
N ALA B 286 11.80 -14.05 11.62
CA ALA B 286 12.60 -12.84 11.50
C ALA B 286 12.63 -12.40 10.04
N GLY B 287 12.24 -11.16 9.80
CA GLY B 287 12.39 -10.59 8.47
C GLY B 287 13.84 -10.33 8.14
N TYR B 288 14.10 -10.13 6.85
CA TYR B 288 15.48 -10.00 6.38
C TYR B 288 15.56 -8.93 5.31
N ASP B 289 16.74 -8.29 5.23
CA ASP B 289 16.96 -7.27 4.21
C ASP B 289 16.91 -7.86 2.81
N ASP B 290 17.48 -9.05 2.63
CA ASP B 290 17.31 -9.75 1.37
C ASP B 290 15.85 -10.09 1.18
N PHE B 291 15.43 -10.18 -0.08
CA PHE B 291 14.02 -10.24 -0.40
C PHE B 291 13.44 -11.59 0.00
N ASN B 292 13.40 -11.85 1.30
CA ASN B 292 13.06 -13.17 1.81
C ASN B 292 12.90 -13.05 3.32
N CYS B 293 12.06 -13.94 3.89
CA CYS B 293 11.89 -14.06 5.33
C CYS B 293 12.14 -15.50 5.74
N ASN B 294 12.63 -15.68 6.96
CA ASN B 294 13.18 -16.96 7.36
C ASN B 294 12.53 -17.43 8.66
N VAL B 295 12.44 -18.76 8.79
CA VAL B 295 11.84 -19.39 9.95
C VAL B 295 12.93 -20.20 10.65
N TRP B 296 13.09 -19.96 11.95
CA TRP B 296 14.10 -20.63 12.75
C TRP B 296 13.45 -21.48 13.83
N ASP B 297 14.28 -22.08 14.66
CA ASP B 297 13.86 -22.80 15.85
C ASP B 297 14.61 -22.21 17.04
N ALA B 298 13.89 -21.93 18.12
CA ALA B 298 14.51 -21.24 19.26
C ALA B 298 15.42 -22.15 20.07
N LEU B 299 15.16 -23.46 20.08
CA LEU B 299 15.99 -24.38 20.84
C LEU B 299 17.15 -24.94 20.03
N LYS B 300 16.97 -25.17 18.73
CA LYS B 300 18.02 -25.65 17.87
C LYS B 300 18.21 -24.66 16.72
N ALA B 301 19.47 -24.30 16.45
CA ALA B 301 19.77 -23.30 15.43
C ALA B 301 19.41 -23.77 14.02
N ASP B 302 19.13 -25.06 13.83
CA ASP B 302 18.82 -25.56 12.51
C ASP B 302 17.62 -24.82 11.92
N ARG B 303 17.72 -24.50 10.64
CA ARG B 303 16.80 -23.57 10.01
C ARG B 303 15.59 -24.30 9.44
N ALA B 304 14.42 -23.72 9.65
CA ALA B 304 13.18 -24.26 9.10
C ALA B 304 12.98 -23.70 7.69
N GLY B 305 11.80 -23.91 7.13
CA GLY B 305 11.56 -23.52 5.75
C GLY B 305 11.59 -22.01 5.56
N VAL B 306 11.91 -21.61 4.34
CA VAL B 306 11.93 -20.19 4.02
C VAL B 306 10.50 -19.64 4.00
N LEU B 307 10.39 -18.32 4.10
CA LEU B 307 9.12 -17.61 3.96
C LEU B 307 9.38 -16.47 2.99
N ALA B 308 9.32 -16.76 1.70
CA ALA B 308 9.62 -15.78 0.67
C ALA B 308 8.37 -15.50 -0.16
N GLY B 309 8.49 -14.50 -1.03
CA GLY B 309 7.36 -14.14 -1.88
C GLY B 309 7.25 -12.65 -2.10
N HIS B 310 8.06 -11.86 -1.41
CA HIS B 310 8.00 -10.42 -1.57
C HIS B 310 9.02 -9.94 -2.60
N ASP B 311 8.81 -8.72 -3.07
CA ASP B 311 9.71 -8.09 -4.03
C ASP B 311 10.66 -7.08 -3.40
N ASN B 312 10.48 -6.75 -2.11
CA ASN B 312 11.37 -5.83 -1.42
C ASN B 312 11.56 -6.32 0.00
N ARG B 313 12.44 -5.64 0.73
CA ARG B 313 12.85 -6.12 2.05
C ARG B 313 11.70 -6.09 3.04
N VAL B 314 11.61 -7.13 3.85
CA VAL B 314 10.56 -7.26 4.86
C VAL B 314 10.82 -6.28 5.98
N SER B 315 10.08 -5.18 6.00
CA SER B 315 10.30 -4.12 6.97
C SER B 315 9.51 -4.28 8.25
N CYS B 316 8.57 -5.23 8.31
CA CYS B 316 7.82 -5.45 9.53
C CYS B 316 7.27 -6.87 9.52
N LEU B 317 7.00 -7.36 10.73
CA LEU B 317 6.58 -8.75 10.92
C LEU B 317 5.89 -8.85 12.27
N GLY B 318 4.80 -9.61 12.30
CA GLY B 318 4.05 -9.79 13.53
C GLY B 318 3.23 -11.05 13.50
N VAL B 319 3.06 -11.65 14.68
CA VAL B 319 2.32 -12.89 14.85
C VAL B 319 1.10 -12.62 15.69
N THR B 320 -0.03 -13.24 15.33
CA THR B 320 -1.27 -13.08 16.07
C THR B 320 -1.09 -13.52 17.51
N ASP B 321 -1.85 -12.87 18.41
CA ASP B 321 -1.77 -13.21 19.82
C ASP B 321 -2.20 -14.64 20.07
N ASP B 322 -3.28 -15.08 19.42
CA ASP B 322 -3.69 -16.48 19.54
C ASP B 322 -2.77 -17.41 18.77
N GLY B 323 -1.96 -16.88 17.85
CA GLY B 323 -0.97 -17.66 17.15
C GLY B 323 -1.45 -18.38 15.90
N MET B 324 -2.67 -18.10 15.43
CA MET B 324 -3.20 -18.82 14.27
C MET B 324 -2.32 -18.63 13.05
N ALA B 325 -1.90 -17.39 12.78
CA ALA B 325 -1.19 -17.09 11.55
C ALA B 325 -0.27 -15.90 11.78
N VAL B 326 0.55 -15.62 10.77
CA VAL B 326 1.53 -14.54 10.80
C VAL B 326 1.40 -13.72 9.53
N ALA B 327 1.49 -12.40 9.65
CA ALA B 327 1.49 -11.51 8.50
C ALA B 327 2.86 -10.88 8.32
N THR B 328 3.23 -10.66 7.06
CA THR B 328 4.52 -10.08 6.70
C THR B 328 4.29 -8.79 5.93
N GLY B 329 4.98 -7.73 6.32
CA GLY B 329 4.89 -6.48 5.60
C GLY B 329 6.25 -5.98 5.15
N SER B 330 6.44 -5.86 3.85
CA SER B 330 7.70 -5.40 3.28
C SER B 330 7.49 -4.08 2.56
N TRP B 331 8.55 -3.61 1.90
CA TRP B 331 8.50 -2.30 1.26
C TRP B 331 7.68 -2.31 -0.02
N ASP B 332 7.39 -3.48 -0.59
CA ASP B 332 6.32 -3.56 -1.56
C ASP B 332 4.99 -3.38 -0.84
N SER B 333 4.06 -2.68 -1.49
CA SER B 333 2.83 -2.27 -0.82
C SER B 333 2.07 -3.46 -0.26
N PHE B 334 2.27 -4.64 -0.84
CA PHE B 334 1.52 -5.83 -0.52
C PHE B 334 1.94 -6.35 0.86
N LEU B 335 0.97 -6.82 1.64
CA LEU B 335 1.24 -7.51 2.89
C LEU B 335 0.70 -8.93 2.80
N LYS B 336 1.54 -9.90 3.13
CA LYS B 336 1.20 -11.31 3.01
C LYS B 336 1.01 -11.91 4.40
N ILE B 337 -0.09 -12.64 4.58
CA ILE B 337 -0.39 -13.34 5.82
C ILE B 337 -0.20 -14.83 5.56
N TRP B 338 0.59 -15.48 6.40
CA TRP B 338 0.97 -16.87 6.22
C TRP B 338 0.40 -17.72 7.34
N ASN B 339 -0.20 -18.85 6.97
CA ASN B 339 -0.77 -19.78 7.94
C ASN B 339 -0.35 -21.20 7.61
N ALA C 7 29.54 17.47 34.66
CA ALA C 7 28.88 17.04 33.44
C ALA C 7 29.33 15.64 33.04
N SER C 8 30.48 15.56 32.37
CA SER C 8 30.99 14.26 31.96
C SER C 8 31.36 13.40 33.16
N ILE C 9 31.89 14.01 34.22
CA ILE C 9 32.25 13.27 35.42
C ILE C 9 31.00 12.65 36.05
N ALA C 10 29.93 13.43 36.16
CA ALA C 10 28.68 12.89 36.70
C ALA C 10 28.08 11.84 35.79
N GLN C 11 28.20 12.03 34.48
CA GLN C 11 27.69 11.03 33.54
C GLN C 11 28.42 9.70 33.70
N ALA C 12 29.74 9.75 33.83
CA ALA C 12 30.50 8.52 34.06
C ALA C 12 30.20 7.93 35.43
N ARG C 13 29.97 8.77 36.44
CA ARG C 13 29.64 8.26 37.76
C ARG C 13 28.30 7.52 37.74
N LYS C 14 27.30 8.06 37.05
CA LYS C 14 26.04 7.33 36.95
C LYS C 14 26.21 6.08 36.07
N LEU C 15 27.12 6.12 35.10
CA LEU C 15 27.44 4.89 34.36
C LEU C 15 27.93 3.80 35.29
N VAL C 16 28.88 4.13 36.17
CA VAL C 16 29.42 3.10 37.06
C VAL C 16 28.39 2.68 38.11
N GLU C 17 27.53 3.61 38.54
CA GLU C 17 26.44 3.25 39.44
C GLU C 17 25.53 2.23 38.79
N GLN C 18 25.13 2.48 37.53
CA GLN C 18 24.32 1.51 36.81
C GLN C 18 25.07 0.20 36.63
N LEU C 19 26.37 0.26 36.37
CA LEU C 19 27.16 -0.95 36.18
C LEU C 19 27.08 -1.84 37.41
N LYS C 20 27.26 -1.25 38.60
CA LYS C 20 27.13 -2.09 39.79
C LYS C 20 25.67 -2.49 40.04
N MET C 21 24.72 -1.68 39.54
CA MET C 21 23.31 -2.09 39.60
C MET C 21 23.08 -3.41 38.86
N GLU C 22 23.57 -3.52 37.62
CA GLU C 22 23.44 -4.82 36.96
C GLU C 22 24.44 -5.84 37.51
N ALA C 23 25.44 -5.41 38.26
CA ALA C 23 26.38 -6.36 38.84
C ALA C 23 25.76 -7.14 40.00
N ASN C 24 25.00 -6.45 40.86
CA ASN C 24 24.60 -7.07 42.11
C ASN C 24 23.41 -8.03 41.97
N ILE C 25 22.89 -8.22 40.76
CA ILE C 25 21.69 -9.03 40.58
C ILE C 25 22.00 -10.50 40.85
N ASP C 26 21.01 -11.22 41.35
CA ASP C 26 21.12 -12.67 41.51
C ASP C 26 20.78 -13.35 40.19
N ARG C 27 21.47 -14.44 39.90
CA ARG C 27 21.43 -15.03 38.57
C ARG C 27 21.23 -16.54 38.67
N ILE C 28 20.46 -17.09 37.74
CA ILE C 28 20.27 -18.53 37.67
C ILE C 28 21.25 -19.13 36.67
N LYS C 29 21.49 -20.43 36.80
CA LYS C 29 22.39 -21.12 35.89
C LYS C 29 21.81 -21.16 34.48
N VAL C 30 22.71 -21.16 33.49
CA VAL C 30 22.26 -21.19 32.11
C VAL C 30 21.59 -22.52 31.79
N SER C 31 22.00 -23.60 32.45
CA SER C 31 21.32 -24.88 32.27
C SER C 31 19.87 -24.81 32.75
N LYS C 32 19.65 -24.19 33.91
CA LYS C 32 18.28 -24.01 34.41
C LYS C 32 17.49 -23.09 33.49
N ALA C 33 18.13 -22.04 32.97
CA ALA C 33 17.45 -21.15 32.04
C ALA C 33 17.02 -21.90 30.77
N ALA C 34 17.91 -22.72 30.23
CA ALA C 34 17.58 -23.49 29.05
C ALA C 34 16.46 -24.50 29.34
N ALA C 35 16.51 -25.14 30.50
CA ALA C 35 15.45 -26.06 30.88
C ALA C 35 14.11 -25.34 30.99
N ASP C 36 14.11 -24.11 31.49
CA ASP C 36 12.87 -23.36 31.61
C ASP C 36 12.35 -22.91 30.24
N LEU C 37 13.26 -22.47 29.36
CA LEU C 37 12.85 -22.13 28.00
C LEU C 37 12.24 -23.32 27.28
N MET C 38 12.84 -24.50 27.44
CA MET C 38 12.25 -25.70 26.85
C MET C 38 10.93 -26.07 27.52
N ALA C 39 10.82 -25.82 28.83
CA ALA C 39 9.62 -26.19 29.57
C ALA C 39 8.40 -25.46 29.06
N TYR C 40 8.54 -24.16 28.74
CA TYR C 40 7.42 -23.41 28.19
C TYR C 40 7.01 -23.96 26.83
N CYS C 41 7.99 -24.40 26.03
CA CYS C 41 7.67 -24.93 24.71
C CYS C 41 6.86 -26.21 24.80
N GLU C 42 7.27 -27.14 25.67
CA GLU C 42 6.59 -28.43 25.75
C GLU C 42 5.15 -28.28 26.21
N ALA C 43 4.90 -27.39 27.18
CA ALA C 43 3.55 -27.19 27.67
C ALA C 43 2.65 -26.61 26.58
N HIS C 44 3.19 -25.69 25.77
CA HIS C 44 2.40 -25.02 24.74
C HIS C 44 2.68 -25.56 23.35
N ALA C 45 3.35 -26.72 23.24
CA ALA C 45 3.65 -27.27 21.92
C ALA C 45 2.37 -27.60 21.16
N LYS C 46 1.38 -28.19 21.82
CA LYS C 46 0.14 -28.53 21.15
C LYS C 46 -0.66 -27.29 20.78
N GLU C 47 -0.57 -26.24 21.61
CA GLU C 47 -1.33 -25.02 21.36
C GLU C 47 -0.74 -24.16 20.25
N ASP C 48 0.49 -24.45 19.81
CA ASP C 48 1.11 -23.67 18.76
C ASP C 48 0.55 -24.08 17.40
N PRO C 49 -0.08 -23.17 16.66
CA PRO C 49 -0.70 -23.55 15.39
C PRO C 49 0.29 -23.64 14.24
N LEU C 50 1.36 -22.85 14.30
CA LEU C 50 2.32 -22.87 13.21
C LEU C 50 3.20 -24.11 13.24
N LEU C 51 3.39 -24.71 14.42
CA LEU C 51 4.23 -25.90 14.52
C LEU C 51 3.64 -27.09 13.77
N THR C 52 2.37 -27.39 14.04
CA THR C 52 1.70 -28.54 13.45
C THR C 52 0.61 -28.05 12.51
N PRO C 53 0.44 -28.67 11.35
CA PRO C 53 -0.60 -28.23 10.40
C PRO C 53 -1.98 -28.32 11.02
N VAL C 54 -2.60 -27.16 11.22
CA VAL C 54 -3.93 -27.09 11.84
C VAL C 54 -4.96 -27.69 10.89
N PRO C 55 -5.94 -28.45 11.39
CA PRO C 55 -6.96 -29.02 10.50
C PRO C 55 -7.74 -27.94 9.77
N ALA C 56 -8.23 -28.31 8.58
CA ALA C 56 -8.85 -27.34 7.68
C ALA C 56 -10.11 -26.73 8.29
N SER C 57 -10.92 -27.54 8.98
CA SER C 57 -12.20 -27.05 9.48
C SER C 57 -12.01 -25.93 10.49
N GLU C 58 -11.08 -26.11 11.43
CA GLU C 58 -10.84 -25.10 12.45
C GLU C 58 -9.76 -24.10 12.05
N ASN C 59 -9.20 -24.23 10.85
CA ASN C 59 -8.30 -23.21 10.36
C ASN C 59 -9.12 -22.12 9.68
N PRO C 60 -9.17 -20.92 10.24
CA PRO C 60 -10.09 -19.91 9.71
C PRO C 60 -9.46 -19.02 8.66
N PHE C 61 -8.14 -19.07 8.47
CA PHE C 61 -7.48 -18.27 7.45
C PHE C 61 -7.44 -18.93 6.08
N ARG C 62 -7.75 -20.22 5.99
CA ARG C 62 -7.65 -20.90 4.71
C ARG C 62 -8.84 -20.58 3.80
N GLU C 63 -9.99 -20.26 4.38
CA GLU C 63 -11.17 -19.94 3.58
C GLU C 63 -12.09 -18.99 4.32
N VAL D 2 -24.64 15.15 17.73
CA VAL D 2 -24.91 14.27 16.60
C VAL D 2 -26.40 14.28 16.28
N GLN D 3 -27.03 15.43 16.47
CA GLN D 3 -28.47 15.54 16.27
C GLN D 3 -28.85 15.35 14.82
N LEU D 4 -29.95 14.64 14.59
CA LEU D 4 -30.53 14.45 13.26
C LEU D 4 -31.95 15.01 13.29
N VAL D 5 -32.21 16.01 12.45
CA VAL D 5 -33.50 16.69 12.41
C VAL D 5 -34.08 16.58 11.01
N GLU D 6 -35.36 16.24 10.93
CA GLU D 6 -36.06 16.07 9.66
C GLU D 6 -37.09 17.18 9.48
N SER D 7 -37.39 17.47 8.22
CA SER D 7 -38.35 18.52 7.88
C SER D 7 -39.26 18.03 6.76
N GLY D 8 -40.45 18.59 6.72
CA GLY D 8 -41.46 18.21 5.74
C GLY D 8 -42.59 17.42 6.38
N GLY D 9 -43.50 16.97 5.52
CA GLY D 9 -44.65 16.22 5.97
C GLY D 9 -45.77 17.11 6.44
N GLY D 10 -46.88 16.46 6.78
CA GLY D 10 -48.08 17.14 7.23
C GLY D 10 -49.30 16.51 6.59
N LEU D 11 -50.40 17.27 6.60
CA LEU D 11 -51.64 16.81 6.00
C LEU D 11 -51.54 16.91 4.49
N VAL D 12 -51.65 15.78 3.80
CA VAL D 12 -51.54 15.72 2.35
C VAL D 12 -52.72 14.94 1.80
N GLN D 13 -53.30 15.46 0.71
CA GLN D 13 -54.38 14.73 0.06
C GLN D 13 -53.85 13.42 -0.52
N PRO D 14 -54.64 12.34 -0.45
CA PRO D 14 -54.15 11.05 -0.93
C PRO D 14 -53.69 11.11 -2.39
N GLY D 15 -52.60 10.40 -2.67
CA GLY D 15 -52.01 10.40 -3.99
C GLY D 15 -51.13 11.59 -4.30
N GLY D 16 -50.94 12.51 -3.36
CA GLY D 16 -50.11 13.67 -3.60
C GLY D 16 -48.63 13.36 -3.55
N SER D 17 -47.83 14.39 -3.76
CA SER D 17 -46.37 14.28 -3.73
C SER D 17 -45.80 15.31 -2.77
N ARG D 18 -44.93 14.85 -1.87
CA ARG D 18 -44.26 15.73 -0.92
C ARG D 18 -42.81 15.30 -0.76
N LYS D 19 -41.97 16.24 -0.35
CA LYS D 19 -40.56 15.97 -0.14
C LYS D 19 -40.30 15.82 1.36
N LEU D 20 -39.64 14.72 1.73
CA LEU D 20 -39.29 14.45 3.12
C LEU D 20 -37.77 14.46 3.22
N SER D 21 -37.23 15.45 3.92
CA SER D 21 -35.78 15.65 4.01
C SER D 21 -35.35 15.69 5.47
N CYS D 22 -34.17 15.17 5.74
CA CYS D 22 -33.58 15.17 7.08
C CYS D 22 -32.22 15.85 7.04
N SER D 23 -31.92 16.61 8.09
CA SER D 23 -30.68 17.35 8.20
C SER D 23 -29.71 16.64 9.14
N ALA D 24 -28.46 16.54 8.71
CA ALA D 24 -27.41 15.87 9.48
C ALA D 24 -26.36 16.89 9.87
N SER D 25 -25.97 16.87 11.15
CA SER D 25 -24.96 17.80 11.64
C SER D 25 -24.20 17.16 12.78
N GLY D 26 -22.91 17.49 12.87
CA GLY D 26 -22.08 17.03 13.96
C GLY D 26 -21.45 15.67 13.79
N PHE D 27 -21.64 15.01 12.64
CA PHE D 27 -21.04 13.70 12.43
C PHE D 27 -20.74 13.51 10.95
N ALA D 28 -19.78 12.64 10.67
CA ALA D 28 -19.34 12.39 9.31
C ALA D 28 -20.45 11.71 8.53
N PHE D 29 -21.09 12.47 7.63
CA PHE D 29 -22.23 11.96 6.89
C PHE D 29 -21.82 10.99 5.79
N SER D 30 -20.72 11.28 5.09
CA SER D 30 -20.40 10.56 3.87
C SER D 30 -20.14 9.07 4.14
N SER D 31 -19.36 8.77 5.17
CA SER D 31 -19.01 7.38 5.43
C SER D 31 -20.22 6.57 5.87
N PHE D 32 -21.19 7.23 6.50
CA PHE D 32 -22.32 6.53 7.09
C PHE D 32 -23.36 6.20 6.03
N GLY D 33 -24.06 5.07 6.24
CA GLY D 33 -25.16 4.68 5.40
C GLY D 33 -26.48 4.92 6.11
N MET D 34 -27.27 5.84 5.57
CA MET D 34 -28.46 6.30 6.25
C MET D 34 -29.65 5.37 5.97
N HIS D 35 -30.71 5.55 6.76
CA HIS D 35 -31.88 4.70 6.70
C HIS D 35 -33.13 5.52 7.00
N TRP D 36 -34.28 5.00 6.57
CA TRP D 36 -35.58 5.58 6.87
C TRP D 36 -36.47 4.47 7.42
N VAL D 37 -37.05 4.70 8.59
CA VAL D 37 -38.03 3.78 9.18
C VAL D 37 -39.21 4.61 9.67
N ARG D 38 -40.42 4.16 9.34
CA ARG D 38 -41.63 4.92 9.65
C ARG D 38 -42.50 4.17 10.63
N GLN D 39 -43.22 4.93 11.46
CA GLN D 39 -44.07 4.39 12.52
C GLN D 39 -45.45 5.01 12.42
N ALA D 40 -46.48 4.18 12.33
CA ALA D 40 -47.84 4.65 12.43
C ALA D 40 -48.14 5.01 13.89
N PRO D 41 -49.13 5.89 14.12
CA PRO D 41 -49.43 6.29 15.51
C PRO D 41 -49.78 5.13 16.43
N GLU D 42 -50.46 4.10 15.92
CA GLU D 42 -50.86 2.96 16.74
C GLU D 42 -50.31 1.64 16.22
N LYS D 43 -49.20 1.68 15.48
CA LYS D 43 -48.62 0.48 14.90
C LYS D 43 -47.10 0.50 15.09
N GLY D 44 -46.52 -0.69 15.11
CA GLY D 44 -45.08 -0.80 15.22
C GLY D 44 -44.37 -0.37 13.94
N LEU D 45 -43.05 -0.28 14.04
CA LEU D 45 -42.24 0.26 12.96
C LEU D 45 -42.02 -0.78 11.87
N GLU D 46 -41.57 -0.29 10.71
CA GLU D 46 -41.19 -1.14 9.60
C GLU D 46 -40.21 -0.38 8.72
N TRP D 47 -39.25 -1.10 8.16
CA TRP D 47 -38.20 -0.49 7.36
C TRP D 47 -38.78 0.06 6.05
N VAL D 48 -38.14 1.11 5.54
CA VAL D 48 -38.65 1.79 4.35
C VAL D 48 -37.59 1.81 3.25
N ALA D 49 -36.47 2.47 3.49
CA ALA D 49 -35.49 2.72 2.45
C ALA D 49 -34.08 2.54 2.99
N TYR D 50 -33.14 2.37 2.07
CA TYR D 50 -31.73 2.22 2.41
C TYR D 50 -30.88 3.07 1.47
N ILE D 51 -29.84 3.68 2.01
CA ILE D 51 -28.82 4.36 1.22
C ILE D 51 -27.47 3.91 1.75
N SER D 52 -26.46 4.02 0.90
CA SER D 52 -25.10 3.62 1.26
C SER D 52 -24.16 4.79 1.07
N SER D 53 -22.93 4.61 1.55
CA SER D 53 -21.90 5.62 1.36
C SER D 53 -21.59 5.76 -0.11
N GLY D 54 -21.58 7.00 -0.60
CA GLY D 54 -21.37 7.24 -2.01
C GLY D 54 -22.56 6.98 -2.88
N SER D 55 -23.73 6.68 -2.30
CA SER D 55 -24.97 6.43 -3.02
C SER D 55 -24.86 5.24 -3.98
N GLY D 56 -23.90 4.36 -3.76
CA GLY D 56 -23.72 3.23 -4.65
C GLY D 56 -24.85 2.23 -4.57
N THR D 57 -25.37 1.98 -3.37
CA THR D 57 -26.37 0.95 -3.14
C THR D 57 -27.64 1.57 -2.58
N ILE D 58 -28.78 1.27 -3.20
CA ILE D 58 -30.08 1.78 -2.78
C ILE D 58 -31.06 0.62 -2.71
N TYR D 59 -31.76 0.51 -1.59
CA TYR D 59 -32.77 -0.53 -1.40
C TYR D 59 -34.03 0.07 -0.80
N TYR D 60 -35.16 -0.58 -1.08
CA TYR D 60 -36.45 -0.15 -0.57
C TYR D 60 -37.20 -1.34 0.00
N ALA D 61 -38.23 -1.05 0.78
CA ALA D 61 -39.13 -2.11 1.22
C ALA D 61 -40.00 -2.57 0.06
N ASP D 62 -40.61 -3.75 0.24
CA ASP D 62 -41.48 -4.29 -0.81
C ASP D 62 -42.69 -3.39 -1.04
N THR D 63 -43.29 -2.91 0.03
CA THR D 63 -44.48 -2.07 -0.09
C THR D 63 -44.16 -0.72 -0.72
N VAL D 64 -43.00 -0.16 -0.41
CA VAL D 64 -42.63 1.18 -0.87
C VAL D 64 -41.74 1.13 -2.12
N LYS D 65 -41.66 -0.01 -2.78
CA LYS D 65 -40.80 -0.14 -3.96
C LYS D 65 -41.27 0.77 -5.08
N GLY D 66 -40.30 1.41 -5.75
CA GLY D 66 -40.59 2.22 -6.91
C GLY D 66 -41.23 3.55 -6.60
N ARG D 67 -42.24 3.53 -5.73
CA ARG D 67 -43.00 4.75 -5.46
C ARG D 67 -42.14 5.82 -4.80
N PHE D 68 -41.22 5.42 -3.94
CA PHE D 68 -40.42 6.42 -3.26
C PHE D 68 -39.10 6.59 -4.00
N THR D 69 -38.46 7.73 -3.79
CA THR D 69 -37.09 7.88 -4.28
C THR D 69 -36.26 8.57 -3.21
N ILE D 70 -35.10 7.98 -2.91
CA ILE D 70 -34.23 8.43 -1.84
C ILE D 70 -32.85 8.69 -2.41
N SER D 71 -32.29 9.86 -2.12
CA SER D 71 -30.96 10.22 -2.58
C SER D 71 -30.32 11.13 -1.55
N ARG D 72 -29.07 10.83 -1.20
CA ARG D 72 -28.31 11.60 -0.23
C ARG D 72 -27.42 12.61 -0.96
N ASP D 73 -27.28 13.78 -0.36
CA ASP D 73 -26.41 14.83 -0.90
C ASP D 73 -25.32 15.10 0.15
N ASP D 74 -24.15 14.50 -0.07
CA ASP D 74 -23.05 14.67 0.89
C ASP D 74 -22.63 16.12 1.05
N PRO D 75 -22.39 16.91 0.00
CA PRO D 75 -22.05 18.32 0.22
C PRO D 75 -23.15 19.09 0.94
N LYS D 76 -24.42 18.78 0.67
CA LYS D 76 -25.51 19.45 1.37
C LYS D 76 -25.72 18.93 2.78
N ASN D 77 -25.14 17.77 3.12
CA ASN D 77 -25.29 17.16 4.44
C ASN D 77 -26.76 16.94 4.79
N THR D 78 -27.57 16.64 3.77
CA THR D 78 -28.99 16.37 3.95
C THR D 78 -29.36 15.15 3.14
N LEU D 79 -30.20 14.28 3.71
CA LEU D 79 -30.83 13.21 2.97
C LEU D 79 -32.31 13.52 2.83
N PHE D 80 -32.81 13.45 1.61
CA PHE D 80 -34.20 13.76 1.31
C PHE D 80 -34.85 12.62 0.55
N LEU D 81 -36.13 12.40 0.82
CA LEU D 81 -36.89 11.31 0.22
C LEU D 81 -38.18 11.88 -0.36
N GLN D 82 -38.37 11.70 -1.67
CA GLN D 82 -39.56 12.20 -2.34
C GLN D 82 -40.67 11.15 -2.26
N MET D 83 -41.88 11.63 -1.99
CA MET D 83 -42.99 10.81 -1.51
C MET D 83 -44.08 10.79 -2.59
N THR D 84 -44.46 9.60 -3.04
CA THR D 84 -45.45 9.48 -4.11
C THR D 84 -46.50 8.42 -3.76
N SER D 85 -47.69 8.61 -4.33
CA SER D 85 -48.79 7.65 -4.23
C SER D 85 -49.15 7.37 -2.77
N LEU D 86 -49.65 8.41 -2.12
CA LEU D 86 -49.91 8.37 -0.70
C LEU D 86 -51.21 7.59 -0.44
N ARG D 87 -51.15 6.67 0.53
CA ARG D 87 -52.27 5.79 0.84
C ARG D 87 -52.45 5.73 2.36
N SER D 88 -53.49 5.01 2.79
CA SER D 88 -53.72 4.82 4.21
C SER D 88 -52.64 3.98 4.86
N GLU D 89 -51.96 3.14 4.07
CA GLU D 89 -50.82 2.38 4.57
C GLU D 89 -49.54 3.20 4.61
N ASP D 90 -49.58 4.45 4.14
CA ASP D 90 -48.39 5.30 4.11
C ASP D 90 -48.36 6.32 5.24
N THR D 91 -49.51 6.66 5.81
CA THR D 91 -49.55 7.67 6.86
C THR D 91 -48.83 7.17 8.11
N ALA D 92 -47.84 7.94 8.56
CA ALA D 92 -46.99 7.54 9.67
C ALA D 92 -46.02 8.64 10.07
N MET D 93 -45.22 8.37 11.10
CA MET D 93 -44.09 9.20 11.48
C MET D 93 -42.82 8.47 11.08
N TYR D 94 -41.95 9.16 10.34
CA TYR D 94 -40.75 8.56 9.78
C TYR D 94 -39.54 8.88 10.66
N TYR D 95 -38.70 7.88 10.89
CA TYR D 95 -37.51 8.02 11.72
C TYR D 95 -36.25 8.03 10.86
N CYS D 96 -35.38 8.99 11.12
CA CYS D 96 -34.10 9.10 10.43
C CYS D 96 -33.06 8.27 11.17
N VAL D 97 -32.43 7.33 10.45
CA VAL D 97 -31.53 6.35 11.04
C VAL D 97 -30.19 6.43 10.33
N ARG D 98 -29.11 6.48 11.11
CA ARG D 98 -27.76 6.47 10.56
C ARG D 98 -27.05 5.20 10.98
N SER D 99 -26.33 4.58 10.05
CA SER D 99 -25.66 3.32 10.29
C SER D 99 -24.32 3.29 9.55
N ILE D 100 -23.33 2.67 10.18
CA ILE D 100 -22.03 2.44 9.55
C ILE D 100 -21.74 0.95 9.65
N TYR D 101 -21.27 0.36 8.56
CA TYR D 101 -21.09 -1.08 8.45
C TYR D 101 -19.61 -1.42 8.31
N TYR D 102 -19.05 -2.04 9.34
CA TYR D 102 -17.70 -2.58 9.29
C TYR D 102 -17.56 -3.56 10.45
N TYR D 103 -16.40 -4.21 10.55
CA TYR D 103 -16.19 -5.17 11.63
C TYR D 103 -16.17 -4.45 12.96
N GLY D 104 -17.03 -4.89 13.89
CA GLY D 104 -17.14 -4.24 15.17
C GLY D 104 -18.00 -2.99 15.17
N SER D 105 -18.61 -2.65 14.05
CA SER D 105 -19.46 -1.46 13.98
C SER D 105 -20.77 -1.69 14.72
N SER D 106 -21.49 -0.60 14.96
CA SER D 106 -22.78 -0.62 15.63
C SER D 106 -23.80 0.05 14.73
N PRO D 107 -24.28 -0.65 13.71
CA PRO D 107 -25.26 -0.05 12.80
C PRO D 107 -26.58 0.24 13.50
N PHE D 108 -27.25 1.30 13.04
CA PHE D 108 -28.55 1.72 13.56
C PHE D 108 -28.44 2.25 14.99
N ASP D 109 -27.40 3.04 15.26
CA ASP D 109 -27.14 3.41 16.65
C ASP D 109 -27.85 4.71 17.05
N PHE D 110 -28.03 5.64 16.12
CA PHE D 110 -28.70 6.90 16.41
C PHE D 110 -29.92 7.05 15.53
N TRP D 111 -31.03 7.48 16.13
CA TRP D 111 -32.28 7.66 15.42
C TRP D 111 -32.76 9.09 15.63
N GLY D 112 -33.03 9.79 14.54
CA GLY D 112 -33.49 11.17 14.64
C GLY D 112 -34.92 11.25 15.16
N GLN D 113 -35.31 12.49 15.48
CA GLN D 113 -36.67 12.71 15.98
C GLN D 113 -37.70 12.46 14.88
N GLY D 114 -37.45 12.96 13.67
CA GLY D 114 -38.32 12.70 12.55
C GLY D 114 -39.56 13.58 12.55
N THR D 115 -40.36 13.41 11.48
CA THR D 115 -41.58 14.17 11.31
C THR D 115 -42.71 13.22 10.90
N THR D 116 -43.94 13.72 11.00
CA THR D 116 -45.14 12.93 10.78
C THR D 116 -45.78 13.31 9.45
N LEU D 117 -46.22 12.29 8.70
CA LEU D 117 -46.92 12.46 7.45
C LEU D 117 -48.29 11.79 7.58
N THR D 118 -49.35 12.55 7.31
CA THR D 118 -50.72 12.07 7.44
C THR D 118 -51.48 12.30 6.14
N VAL D 119 -52.44 11.41 5.87
CA VAL D 119 -53.26 11.49 4.68
C VAL D 119 -54.72 11.27 5.08
N SER D 120 -55.61 11.65 4.17
CA SER D 120 -57.04 11.49 4.41
C SER D 120 -57.40 10.01 4.56
N SER D 121 -58.34 9.73 5.44
CA SER D 121 -58.77 8.37 5.70
C SER D 121 -60.21 8.34 6.23
N SER D 136 -42.42 -13.76 1.21
CA SER D 136 -41.00 -13.84 0.85
C SER D 136 -40.14 -13.11 1.87
N ASP D 137 -40.74 -12.81 3.01
CA ASP D 137 -40.08 -12.08 4.09
C ASP D 137 -40.08 -12.95 5.35
N ILE D 138 -38.94 -12.95 6.04
CA ILE D 138 -38.82 -13.70 7.29
C ILE D 138 -39.53 -12.93 8.40
N VAL D 139 -40.22 -13.65 9.26
CA VAL D 139 -41.14 -13.06 10.22
C VAL D 139 -40.48 -12.97 11.59
N MET D 140 -40.62 -11.82 12.24
CA MET D 140 -40.23 -11.63 13.63
C MET D 140 -41.47 -11.70 14.49
N THR D 141 -41.55 -12.69 15.37
CA THR D 141 -42.69 -12.87 16.25
C THR D 141 -42.26 -12.68 17.69
N GLN D 142 -43.16 -12.09 18.48
CA GLN D 142 -42.94 -11.86 19.90
C GLN D 142 -44.02 -12.58 20.68
N ALA D 143 -43.60 -13.39 21.66
CA ALA D 143 -44.54 -14.24 22.38
C ALA D 143 -45.57 -13.41 23.14
N THR D 144 -45.14 -12.33 23.78
CA THR D 144 -46.01 -11.53 24.62
C THR D 144 -45.83 -10.04 24.33
N SER D 145 -46.88 -9.28 24.63
CA SER D 145 -46.84 -7.82 24.57
C SER D 145 -47.54 -7.28 25.80
N SER D 146 -47.17 -6.06 26.19
CA SER D 146 -47.70 -5.41 27.39
C SER D 146 -47.50 -6.29 28.61
N VAL D 147 -46.33 -6.89 28.72
CA VAL D 147 -46.04 -7.81 29.83
C VAL D 147 -45.95 -7.03 31.14
N PRO D 148 -46.59 -7.49 32.21
CA PRO D 148 -46.44 -6.83 33.50
C PRO D 148 -45.10 -7.16 34.14
N VAL D 149 -44.46 -6.14 34.70
CA VAL D 149 -43.15 -6.30 35.31
C VAL D 149 -43.07 -5.43 36.55
N THR D 150 -42.24 -5.83 37.51
CA THR D 150 -42.00 -5.12 38.74
C THR D 150 -40.61 -4.48 38.72
N PRO D 151 -40.49 -3.22 39.12
CA PRO D 151 -39.17 -2.58 39.13
C PRO D 151 -38.19 -3.33 40.04
N GLY D 152 -36.94 -3.40 39.59
CA GLY D 152 -35.90 -4.09 40.32
C GLY D 152 -35.83 -5.59 40.09
N GLU D 153 -36.74 -6.14 39.30
CA GLU D 153 -36.74 -7.57 39.02
C GLU D 153 -35.98 -7.85 37.72
N SER D 154 -36.07 -9.08 37.22
CA SER D 154 -35.47 -9.48 35.97
C SER D 154 -36.57 -9.84 34.97
N VAL D 155 -36.52 -9.24 33.79
CA VAL D 155 -37.51 -9.46 32.75
C VAL D 155 -36.82 -10.00 31.51
N SER D 156 -37.45 -10.97 30.86
CA SER D 156 -36.92 -11.58 29.64
C SER D 156 -37.98 -11.52 28.55
N ILE D 157 -37.57 -11.07 27.37
CA ILE D 157 -38.47 -10.93 26.23
C ILE D 157 -37.91 -11.74 25.07
N SER D 158 -38.77 -12.52 24.42
CA SER D 158 -38.36 -13.42 23.36
C SER D 158 -38.73 -12.83 22.00
N CYS D 159 -37.78 -12.89 21.06
CA CYS D 159 -38.02 -12.54 19.68
C CYS D 159 -37.53 -13.69 18.82
N ARG D 160 -38.46 -14.34 18.11
CA ARG D 160 -38.16 -15.54 17.35
C ARG D 160 -38.19 -15.24 15.86
N SER D 161 -37.18 -15.75 15.15
CA SER D 161 -37.05 -15.54 13.71
C SER D 161 -37.35 -16.84 12.98
N SER D 162 -38.10 -16.73 11.87
CA SER D 162 -38.38 -17.90 11.05
C SER D 162 -37.09 -18.44 10.43
N LYS D 163 -36.21 -17.55 10.01
CA LYS D 163 -34.93 -17.94 9.41
C LYS D 163 -33.83 -17.85 10.45
N SER D 164 -32.95 -18.85 10.46
CA SER D 164 -31.81 -18.83 11.36
C SER D 164 -30.90 -17.66 11.03
N LEU D 165 -30.50 -16.92 12.06
CA LEU D 165 -29.73 -15.69 11.90
C LEU D 165 -28.24 -15.88 12.20
N LEU D 166 -27.80 -17.12 12.44
CA LEU D 166 -26.41 -17.33 12.85
C LEU D 166 -25.45 -17.13 11.68
N HIS D 167 -25.81 -17.64 10.51
CA HIS D 167 -25.01 -17.52 9.28
C HIS D 167 -23.64 -18.19 9.40
N SER D 168 -22.91 -18.26 8.29
CA SER D 168 -21.63 -18.96 8.29
C SER D 168 -20.58 -18.23 9.11
N ASN D 169 -20.66 -16.90 9.19
CA ASN D 169 -19.67 -16.14 9.95
C ASN D 169 -19.74 -16.42 11.45
N GLY D 170 -20.81 -17.06 11.92
CA GLY D 170 -20.95 -17.39 13.32
C GLY D 170 -21.49 -16.30 14.20
N ASN D 171 -21.89 -15.17 13.63
CA ASN D 171 -22.42 -14.04 14.39
C ASN D 171 -23.90 -13.84 14.05
N THR D 172 -24.74 -13.78 15.09
CA THR D 172 -26.15 -13.51 14.89
C THR D 172 -26.37 -12.03 14.62
N TYR D 173 -27.54 -11.71 14.07
CA TYR D 173 -27.79 -10.38 13.54
C TYR D 173 -29.07 -9.75 14.09
N LEU D 174 -29.53 -10.15 15.26
CA LEU D 174 -30.68 -9.50 15.86
C LEU D 174 -30.24 -8.23 16.59
N TYR D 175 -30.90 -7.12 16.27
CA TYR D 175 -30.67 -5.84 16.91
C TYR D 175 -31.83 -5.54 17.86
N TRP D 176 -31.50 -5.18 19.09
CA TRP D 176 -32.49 -4.85 20.11
C TRP D 176 -32.58 -3.33 20.26
N PHE D 177 -33.79 -2.79 20.16
CA PHE D 177 -34.01 -1.36 20.33
C PHE D 177 -35.05 -1.10 21.40
N LEU D 178 -34.89 0.02 22.09
CA LEU D 178 -35.70 0.40 23.24
C LEU D 178 -36.36 1.75 22.94
N GLN D 179 -37.66 1.83 23.16
CA GLN D 179 -38.44 3.03 22.87
C GLN D 179 -39.09 3.54 24.15
N ARG D 180 -39.00 4.84 24.37
CA ARG D 180 -39.66 5.47 25.50
C ARG D 180 -40.89 6.24 25.04
N PRO D 181 -41.86 6.47 25.93
CA PRO D 181 -42.99 7.34 25.57
C PRO D 181 -42.51 8.74 25.25
N GLY D 182 -42.77 9.16 24.01
CA GLY D 182 -42.37 10.48 23.56
C GLY D 182 -40.92 10.63 23.19
N GLN D 183 -40.16 9.55 23.11
CA GLN D 183 -38.75 9.60 22.79
C GLN D 183 -38.43 8.63 21.66
N SER D 184 -37.47 9.02 20.82
CA SER D 184 -37.06 8.18 19.71
C SER D 184 -36.23 7.01 20.21
N PRO D 185 -36.29 5.88 19.52
CA PRO D 185 -35.55 4.70 19.96
C PRO D 185 -34.04 4.86 19.84
N GLN D 186 -33.33 4.08 20.65
CA GLN D 186 -31.87 4.03 20.65
C GLN D 186 -31.43 2.58 20.56
N LEU D 187 -30.18 2.39 20.15
CA LEU D 187 -29.63 1.04 20.03
C LEU D 187 -29.34 0.47 21.41
N LEU D 188 -29.60 -0.83 21.56
CA LEU D 188 -29.29 -1.55 22.79
C LEU D 188 -28.27 -2.67 22.57
N ILE D 189 -28.51 -3.54 21.60
CA ILE D 189 -27.65 -4.70 21.36
C ILE D 189 -27.35 -4.71 19.85
N TYR D 190 -26.16 -4.23 19.48
CA TYR D 190 -25.83 -4.09 18.07
C TYR D 190 -25.61 -5.45 17.41
N ARG D 191 -25.33 -6.47 18.19
CA ARG D 191 -25.38 -7.86 17.77
C ARG D 191 -25.57 -8.66 19.04
N MET D 192 -26.27 -9.79 18.96
CA MET D 192 -26.69 -10.47 20.18
C MET D 192 -25.50 -10.73 21.08
N SER D 193 -25.66 -10.38 22.36
CA SER D 193 -24.62 -10.42 23.39
C SER D 193 -23.51 -9.40 23.15
N ASN D 194 -23.82 -8.28 22.48
CA ASN D 194 -22.90 -7.17 22.32
C ASN D 194 -23.63 -5.88 22.67
N LEU D 195 -23.17 -5.21 23.73
CA LEU D 195 -23.84 -4.03 24.27
C LEU D 195 -23.28 -2.77 23.61
N ALA D 196 -24.14 -1.76 23.45
CA ALA D 196 -23.77 -0.53 22.77
C ALA D 196 -23.20 0.49 23.75
N SER D 197 -22.55 1.51 23.19
CA SER D 197 -22.02 2.60 23.99
C SER D 197 -23.13 3.52 24.46
N GLY D 198 -22.91 4.14 25.62
CA GLY D 198 -23.92 4.99 26.21
C GLY D 198 -25.07 4.26 26.85
N VAL D 199 -24.97 2.94 27.02
CA VAL D 199 -26.05 2.12 27.54
C VAL D 199 -25.53 1.42 28.80
N PRO D 200 -26.27 1.42 29.89
CA PRO D 200 -25.79 0.79 31.13
C PRO D 200 -25.60 -0.71 30.97
N ASP D 201 -24.85 -1.29 31.91
CA ASP D 201 -24.48 -2.70 31.85
C ASP D 201 -25.60 -3.64 32.29
N ARG D 202 -26.71 -3.11 32.80
CA ARG D 202 -27.80 -3.98 33.24
C ARG D 202 -28.36 -4.79 32.08
N PHE D 203 -28.53 -4.16 30.92
CA PHE D 203 -29.05 -4.85 29.75
C PHE D 203 -28.05 -5.89 29.24
N SER D 204 -28.58 -7.05 28.85
CA SER D 204 -27.75 -8.12 28.30
C SER D 204 -28.60 -8.97 27.37
N GLY D 205 -27.95 -9.66 26.46
CA GLY D 205 -28.64 -10.48 25.48
C GLY D 205 -28.01 -11.86 25.36
N SER D 206 -28.85 -12.84 25.03
CA SER D 206 -28.41 -14.21 24.87
C SER D 206 -29.41 -14.98 24.01
N GLY D 207 -28.91 -15.93 23.24
CA GLY D 207 -29.78 -16.76 22.42
C GLY D 207 -28.96 -17.69 21.55
N SER D 208 -29.63 -18.71 21.04
CA SER D 208 -29.00 -19.72 20.21
C SER D 208 -29.94 -20.13 19.08
N GLY D 209 -29.38 -20.39 17.91
CA GLY D 209 -30.20 -20.82 16.78
C GLY D 209 -31.15 -19.73 16.35
N THR D 210 -32.45 -19.99 16.48
CA THR D 210 -33.47 -19.01 16.18
C THR D 210 -34.10 -18.42 17.44
N ALA D 211 -34.26 -19.24 18.48
CA ALA D 211 -34.89 -18.78 19.71
C ALA D 211 -33.98 -17.78 20.41
N PHE D 212 -34.42 -16.52 20.48
CA PHE D 212 -33.62 -15.45 21.05
C PHE D 212 -34.37 -14.83 22.22
N THR D 213 -33.62 -14.19 23.12
CA THR D 213 -34.22 -13.50 24.26
C THR D 213 -33.32 -12.38 24.72
N LEU D 214 -33.93 -11.36 25.31
CA LEU D 214 -33.21 -10.24 25.90
C LEU D 214 -33.48 -10.23 27.40
N THR D 215 -32.42 -10.24 28.19
CA THR D 215 -32.52 -10.33 29.64
C THR D 215 -32.13 -8.98 30.24
N ILE D 216 -32.98 -8.46 31.11
CA ILE D 216 -32.73 -7.21 31.82
C ILE D 216 -32.53 -7.55 33.29
N SER D 217 -31.30 -7.40 33.77
CA SER D 217 -30.99 -7.80 35.14
C SER D 217 -31.76 -6.96 36.16
N ARG D 218 -31.76 -5.63 35.98
CA ARG D 218 -32.48 -4.73 36.85
C ARG D 218 -33.15 -3.67 36.00
N LEU D 219 -34.29 -3.18 36.47
CA LEU D 219 -35.07 -2.19 35.75
C LEU D 219 -35.07 -0.86 36.48
N GLU D 220 -34.66 0.19 35.78
CA GLU D 220 -34.78 1.55 36.29
C GLU D 220 -36.14 2.14 35.89
N ALA D 221 -36.48 3.25 36.52
CA ALA D 221 -37.77 3.90 36.21
C ALA D 221 -37.80 4.43 34.79
N GLU D 222 -36.64 4.81 34.25
CA GLU D 222 -36.59 5.38 32.90
C GLU D 222 -36.75 4.32 31.82
N ASP D 223 -36.10 3.16 32.00
CA ASP D 223 -36.01 2.16 30.93
C ASP D 223 -37.26 1.27 30.90
N VAL D 224 -38.38 1.89 30.57
CA VAL D 224 -39.66 1.19 30.41
C VAL D 224 -40.30 1.68 29.12
N GLY D 225 -40.88 0.75 28.37
CA GLY D 225 -41.51 1.11 27.11
C GLY D 225 -41.53 -0.09 26.17
N VAL D 226 -41.69 0.23 24.89
CA VAL D 226 -41.78 -0.79 23.86
C VAL D 226 -40.38 -1.15 23.37
N TYR D 227 -40.08 -2.44 23.34
CA TYR D 227 -38.83 -2.97 22.81
C TYR D 227 -39.03 -3.50 21.40
N TYR D 228 -37.94 -3.52 20.63
CA TYR D 228 -37.98 -3.88 19.22
C TYR D 228 -36.83 -4.81 18.88
N CYS D 229 -37.08 -5.69 17.91
CA CYS D 229 -36.08 -6.62 17.40
C CYS D 229 -36.18 -6.66 15.88
N MET D 230 -35.05 -6.87 15.21
CA MET D 230 -35.04 -6.97 13.76
C MET D 230 -34.02 -8.01 13.33
N GLN D 231 -33.79 -8.05 12.02
CA GLN D 231 -32.81 -8.93 11.41
C GLN D 231 -31.97 -8.12 10.43
N HIS D 232 -30.83 -8.68 10.05
CA HIS D 232 -30.00 -8.01 9.06
C HIS D 232 -29.34 -8.97 8.08
N LEU D 233 -29.74 -10.25 8.06
CA LEU D 233 -29.16 -11.18 7.10
C LEU D 233 -29.51 -10.80 5.67
N GLU D 234 -30.80 -10.46 5.51
CA GLU D 234 -31.30 -10.08 4.21
C GLU D 234 -32.00 -8.75 4.31
N TYR D 235 -32.46 -8.24 3.19
CA TYR D 235 -33.01 -6.89 3.17
C TYR D 235 -34.45 -6.41 3.38
N PRO D 236 -35.40 -7.27 3.75
CA PRO D 236 -36.74 -6.66 4.01
C PRO D 236 -36.66 -5.89 5.33
N LEU D 237 -35.60 -6.09 6.11
CA LEU D 237 -35.41 -5.50 7.44
C LEU D 237 -36.70 -5.48 8.26
N THR D 238 -37.21 -6.69 8.51
CA THR D 238 -38.45 -6.82 9.24
C THR D 238 -38.25 -6.48 10.72
N PHE D 239 -39.31 -5.97 11.35
CA PHE D 239 -39.31 -5.71 12.77
C PHE D 239 -40.37 -6.59 13.42
N GLY D 240 -40.20 -6.85 14.71
CA GLY D 240 -41.24 -7.54 15.45
C GLY D 240 -42.24 -6.57 16.05
N ALA D 241 -43.45 -7.06 16.28
CA ALA D 241 -44.46 -6.27 16.98
C ALA D 241 -43.97 -5.98 18.39
N GLY D 242 -44.02 -4.71 18.79
CA GLY D 242 -43.36 -4.30 20.01
C GLY D 242 -44.01 -4.87 21.25
N THR D 243 -43.21 -4.94 22.31
CA THR D 243 -43.66 -5.43 23.60
C THR D 243 -43.58 -4.28 24.62
N LYS D 244 -44.73 -3.91 25.17
CA LYS D 244 -44.76 -2.92 26.22
C LYS D 244 -44.43 -3.57 27.56
N LEU D 245 -43.88 -2.79 28.48
CA LEU D 245 -43.60 -3.24 29.82
C LEU D 245 -44.50 -2.50 30.81
N GLU D 246 -45.27 -3.26 31.58
CA GLU D 246 -46.27 -2.71 32.48
C GLU D 246 -45.79 -2.83 33.92
N LEU D 247 -45.88 -1.74 34.66
CA LEU D 247 -45.48 -1.73 36.07
C LEU D 247 -46.48 -2.50 36.93
N THR E 29 9.27 -34.19 -48.71
CA THR E 29 8.26 -33.49 -47.94
C THR E 29 8.68 -33.34 -46.47
N VAL E 30 9.69 -34.11 -46.08
CA VAL E 30 10.16 -34.07 -44.69
C VAL E 30 10.77 -32.71 -44.37
N GLU E 31 11.56 -32.15 -45.29
CA GLU E 31 12.13 -30.83 -45.07
C GLU E 31 11.05 -29.76 -44.99
N MET E 32 10.03 -29.87 -45.84
CA MET E 32 8.94 -28.90 -45.82
C MET E 32 8.14 -28.98 -44.52
N VAL E 33 7.87 -30.20 -44.05
CA VAL E 33 7.15 -30.32 -42.78
C VAL E 33 8.04 -29.86 -41.62
N PHE E 34 9.36 -30.01 -41.75
CA PHE E 34 10.28 -29.45 -40.76
C PHE E 34 10.19 -27.94 -40.73
N ILE E 35 10.13 -27.31 -41.90
CA ILE E 35 9.95 -25.86 -41.97
C ILE E 35 8.62 -25.45 -41.35
N ALA E 36 7.58 -26.27 -41.60
CA ALA E 36 6.28 -26.00 -40.99
C ALA E 36 6.36 -26.06 -39.47
N THR E 37 7.09 -27.05 -38.94
CA THR E 37 7.27 -27.12 -37.49
C THR E 37 8.10 -25.96 -36.97
N VAL E 38 9.05 -25.45 -37.76
CA VAL E 38 9.79 -24.25 -37.36
C VAL E 38 8.84 -23.06 -37.25
N THR E 39 7.96 -22.90 -38.22
CA THR E 39 6.97 -21.82 -38.15
C THR E 39 6.06 -22.00 -36.94
N GLY E 40 5.66 -23.24 -36.66
CA GLY E 40 4.84 -23.51 -35.49
C GLY E 40 5.55 -23.18 -34.19
N SER E 41 6.85 -23.48 -34.12
CA SER E 41 7.63 -23.13 -32.94
C SER E 41 7.74 -21.62 -32.79
N LEU E 42 7.86 -20.90 -33.91
CA LEU E 42 7.84 -19.44 -33.85
C LEU E 42 6.51 -18.95 -33.30
N SER E 43 5.41 -19.54 -33.74
CA SER E 43 4.09 -19.18 -33.21
C SER E 43 4.02 -19.44 -31.72
N LEU E 44 4.50 -20.61 -31.28
CA LEU E 44 4.46 -20.94 -29.87
C LEU E 44 5.28 -19.97 -29.04
N VAL E 45 6.49 -19.62 -29.52
CA VAL E 45 7.34 -18.73 -28.73
C VAL E 45 6.74 -17.32 -28.67
N THR E 46 6.13 -16.86 -29.77
CA THR E 46 5.57 -15.51 -29.73
C THR E 46 4.33 -15.44 -28.85
N VAL E 47 3.48 -16.48 -28.90
CA VAL E 47 2.31 -16.44 -28.03
C VAL E 47 2.72 -16.60 -26.58
N VAL E 48 3.76 -17.41 -26.31
CA VAL E 48 4.27 -17.52 -24.94
C VAL E 48 4.81 -16.17 -24.47
N GLY E 49 5.55 -15.48 -25.32
CA GLY E 49 6.05 -14.16 -24.94
C GLY E 49 4.94 -13.19 -24.63
N ASN E 50 3.90 -13.18 -25.46
CA ASN E 50 2.78 -12.27 -25.21
C ASN E 50 2.06 -12.61 -23.90
N ILE E 51 1.81 -13.89 -23.67
CA ILE E 51 1.10 -14.27 -22.45
C ILE E 51 1.95 -13.98 -21.23
N LEU E 52 3.27 -14.17 -21.34
CA LEU E 52 4.16 -13.83 -20.22
C LEU E 52 4.15 -12.33 -19.95
N VAL E 53 4.20 -11.51 -21.00
CA VAL E 53 4.25 -10.06 -20.76
C VAL E 53 2.95 -9.56 -20.16
N MET E 54 1.82 -10.13 -20.58
CA MET E 54 0.56 -9.67 -19.99
C MET E 54 0.33 -10.23 -18.60
N LEU E 55 0.80 -11.45 -18.31
CA LEU E 55 0.77 -11.93 -16.94
C LEU E 55 1.67 -11.09 -16.04
N SER E 56 2.82 -10.65 -16.56
CA SER E 56 3.68 -9.74 -15.82
C SER E 56 2.98 -8.42 -15.54
N ILE E 57 2.24 -7.90 -16.53
CA ILE E 57 1.46 -6.69 -16.31
C ILE E 57 0.42 -6.91 -15.23
N LYS E 58 -0.25 -8.06 -15.27
CA LYS E 58 -1.34 -8.34 -14.31
C LYS E 58 -0.81 -8.47 -12.89
N VAL E 59 0.22 -9.29 -12.68
CA VAL E 59 0.65 -9.62 -11.33
C VAL E 59 1.29 -8.41 -10.65
N ASN E 60 2.03 -7.60 -11.39
CA ASN E 60 2.75 -6.47 -10.82
C ASN E 60 1.86 -5.23 -10.85
N ARG E 61 1.53 -4.71 -9.66
CA ARG E 61 0.65 -3.56 -9.57
C ARG E 61 1.30 -2.30 -10.16
N GLN E 62 2.61 -2.15 -9.99
CA GLN E 62 3.29 -0.99 -10.55
C GLN E 62 3.24 -1.00 -12.07
N LEU E 63 3.30 -2.19 -12.67
CA LEU E 63 3.20 -2.31 -14.12
C LEU E 63 1.80 -2.05 -14.65
N GLN E 64 0.80 -1.93 -13.76
CA GLN E 64 -0.57 -1.65 -14.17
C GLN E 64 -0.82 -0.17 -14.37
N THR E 65 0.22 0.61 -14.60
CA THR E 65 0.06 2.04 -14.81
C THR E 65 -0.71 2.31 -16.09
N VAL E 66 -1.25 3.52 -16.20
CA VAL E 66 -2.01 3.90 -17.38
C VAL E 66 -1.18 3.83 -18.65
N ASN E 67 0.14 4.01 -18.54
CA ASN E 67 0.99 3.97 -19.72
C ASN E 67 1.22 2.55 -20.24
N ASN E 68 0.78 1.53 -19.52
CA ASN E 68 0.97 0.15 -19.94
C ASN E 68 -0.31 -0.51 -20.44
N TYR E 69 -1.45 0.18 -20.37
CA TYR E 69 -2.67 -0.37 -20.95
C TYR E 69 -2.54 -0.54 -22.46
N PHE E 70 -1.86 0.41 -23.12
CA PHE E 70 -1.60 0.29 -24.55
C PHE E 70 -0.75 -0.93 -24.85
N LEU E 71 0.28 -1.18 -24.04
CA LEU E 71 1.11 -2.35 -24.24
C LEU E 71 0.33 -3.63 -24.02
N PHE E 72 -0.58 -3.63 -23.04
CA PHE E 72 -1.44 -4.80 -22.82
C PHE E 72 -2.33 -5.06 -24.02
N SER E 73 -2.91 -4.00 -24.59
CA SER E 73 -3.73 -4.16 -25.79
C SER E 73 -2.90 -4.70 -26.95
N LEU E 74 -1.68 -4.20 -27.12
CA LEU E 74 -0.82 -4.71 -28.18
C LEU E 74 -0.47 -6.17 -27.96
N ALA E 75 -0.23 -6.55 -26.71
CA ALA E 75 0.07 -7.96 -26.41
C ALA E 75 -1.13 -8.86 -26.73
N CYS E 76 -2.34 -8.39 -26.42
CA CYS E 76 -3.53 -9.16 -26.77
C CYS E 76 -3.67 -9.31 -28.29
N ALA E 77 -3.47 -8.22 -29.02
CA ALA E 77 -3.53 -8.30 -30.48
C ALA E 77 -2.47 -9.24 -31.02
N ASP E 78 -1.28 -9.23 -30.41
CA ASP E 78 -0.23 -10.13 -30.86
C ASP E 78 -0.58 -11.59 -30.58
N LEU E 79 -1.20 -11.86 -29.42
CA LEU E 79 -1.74 -13.21 -29.20
C LEU E 79 -2.67 -13.61 -30.32
N ILE E 80 -3.63 -12.72 -30.64
CA ILE E 80 -4.63 -13.06 -31.65
C ILE E 80 -3.96 -13.40 -32.98
N ILE E 81 -3.06 -12.52 -33.44
CA ILE E 81 -2.45 -12.71 -34.75
C ILE E 81 -1.57 -13.95 -34.76
N GLY E 82 -0.73 -14.13 -33.73
CA GLY E 82 0.16 -15.27 -33.72
C GLY E 82 -0.56 -16.59 -33.59
N ALA E 83 -1.65 -16.61 -32.83
CA ALA E 83 -2.39 -17.85 -32.63
C ALA E 83 -3.25 -18.21 -33.83
N PHE E 84 -3.81 -17.21 -34.52
CA PHE E 84 -4.77 -17.48 -35.59
C PHE E 84 -4.23 -17.13 -36.97
N SER E 85 -2.92 -16.97 -37.12
CA SER E 85 -2.37 -16.78 -38.45
C SER E 85 -1.37 -17.85 -38.87
N MET E 86 -0.49 -18.28 -37.96
CA MET E 86 0.62 -19.14 -38.36
C MET E 86 0.13 -20.48 -38.86
N ASN E 87 -0.72 -21.16 -38.08
CA ASN E 87 -1.17 -22.49 -38.45
C ASN E 87 -2.00 -22.46 -39.73
N LEU E 88 -2.87 -21.46 -39.89
CA LEU E 88 -3.67 -21.40 -41.10
C LEU E 88 -2.83 -21.04 -42.31
N TYR E 89 -1.79 -20.22 -42.16
CA TYR E 89 -0.95 -19.96 -43.31
C TYR E 89 -0.11 -21.18 -43.67
N THR E 90 0.32 -21.95 -42.67
CA THR E 90 1.06 -23.19 -42.97
C THR E 90 0.16 -24.20 -43.66
N VAL E 91 -1.10 -24.32 -43.23
CA VAL E 91 -2.01 -25.24 -43.91
C VAL E 91 -2.48 -24.69 -45.23
N TYR E 92 -2.26 -23.40 -45.48
CA TYR E 92 -2.35 -22.93 -46.86
C TYR E 92 -1.15 -23.37 -47.68
N ILE E 93 0.05 -23.29 -47.11
CA ILE E 93 1.26 -23.63 -47.84
C ILE E 93 1.32 -25.12 -48.16
N ILE E 94 0.74 -25.95 -47.28
CA ILE E 94 0.94 -27.41 -47.36
C ILE E 94 0.55 -27.93 -48.74
N LYS E 95 -0.51 -27.37 -49.34
CA LYS E 95 -0.95 -27.76 -50.67
C LYS E 95 -0.73 -26.66 -51.71
N GLY E 96 -0.21 -25.52 -51.31
CA GLY E 96 -0.11 -24.39 -52.22
C GLY E 96 -1.40 -23.63 -52.37
N TYR E 97 -2.52 -24.33 -52.49
CA TYR E 97 -3.83 -23.72 -52.54
C TYR E 97 -4.54 -23.87 -51.19
N TRP E 98 -5.68 -23.20 -51.08
CA TRP E 98 -6.43 -23.21 -49.82
C TRP E 98 -7.28 -24.47 -49.74
N PRO E 99 -7.10 -25.30 -48.71
CA PRO E 99 -7.88 -26.55 -48.62
C PRO E 99 -9.25 -26.37 -48.00
N LEU E 100 -9.43 -25.34 -47.18
CA LEU E 100 -10.65 -25.18 -46.41
C LEU E 100 -11.70 -24.43 -47.25
N GLY E 101 -12.79 -24.03 -46.62
CA GLY E 101 -13.89 -23.40 -47.33
C GLY E 101 -13.64 -21.93 -47.62
N ALA E 102 -14.48 -21.39 -48.50
CA ALA E 102 -14.34 -19.98 -48.90
C ALA E 102 -14.77 -19.05 -47.77
N VAL E 103 -15.87 -19.37 -47.09
CA VAL E 103 -16.37 -18.49 -46.04
C VAL E 103 -15.42 -18.48 -44.85
N VAL E 104 -14.92 -19.65 -44.45
CA VAL E 104 -13.99 -19.71 -43.32
C VAL E 104 -12.67 -19.02 -43.68
N CYS E 105 -12.23 -19.18 -44.93
CA CYS E 105 -11.01 -18.51 -45.39
C CYS E 105 -11.16 -17.00 -45.36
N ASP E 106 -12.30 -16.50 -45.86
CA ASP E 106 -12.52 -15.06 -45.85
C ASP E 106 -12.64 -14.52 -44.43
N LEU E 107 -13.26 -15.29 -43.53
CA LEU E 107 -13.32 -14.90 -42.14
C LEU E 107 -11.93 -14.85 -41.52
N TRP E 108 -11.08 -15.84 -41.83
CA TRP E 108 -9.73 -15.84 -41.28
C TRP E 108 -8.92 -14.65 -41.81
N LEU E 109 -9.01 -14.38 -43.10
CA LEU E 109 -8.31 -13.23 -43.66
C LEU E 109 -8.81 -11.94 -43.02
N ALA E 110 -10.13 -11.81 -42.84
CA ALA E 110 -10.67 -10.61 -42.21
C ALA E 110 -10.15 -10.46 -40.79
N LEU E 111 -10.16 -11.55 -40.01
CA LEU E 111 -9.71 -11.47 -38.63
C LEU E 111 -8.22 -11.14 -38.54
N ASP E 112 -7.40 -11.81 -39.36
CA ASP E 112 -5.96 -11.55 -39.33
C ASP E 112 -5.68 -10.10 -39.74
N TYR E 113 -6.35 -9.61 -40.77
CA TYR E 113 -6.06 -8.27 -41.25
C TYR E 113 -6.56 -7.22 -40.27
N VAL E 114 -7.72 -7.46 -39.63
CA VAL E 114 -8.23 -6.50 -38.67
C VAL E 114 -7.35 -6.48 -37.42
N VAL E 115 -6.83 -7.63 -37.00
CA VAL E 115 -5.94 -7.61 -35.84
C VAL E 115 -4.61 -6.96 -36.19
N SER E 116 -4.15 -7.11 -37.45
CA SER E 116 -2.94 -6.41 -37.87
C SER E 116 -3.13 -4.90 -37.84
N ASN E 117 -4.27 -4.42 -38.36
CA ASN E 117 -4.54 -2.98 -38.31
C ASN E 117 -4.71 -2.51 -36.87
N ALA E 118 -5.33 -3.34 -36.02
CA ALA E 118 -5.45 -2.98 -34.61
C ALA E 118 -4.08 -2.82 -33.98
N SER E 119 -3.16 -3.75 -34.27
CA SER E 119 -1.82 -3.64 -33.72
C SER E 119 -1.10 -2.39 -34.21
N VAL E 120 -1.22 -2.08 -35.50
CA VAL E 120 -0.48 -0.93 -36.02
C VAL E 120 -1.07 0.38 -35.50
N MET E 121 -2.39 0.48 -35.40
CA MET E 121 -2.96 1.70 -34.83
C MET E 121 -2.70 1.81 -33.34
N ASN E 122 -2.59 0.67 -32.64
CA ASN E 122 -2.19 0.71 -31.24
C ASN E 122 -0.77 1.23 -31.11
N LEU E 123 0.13 0.79 -32.00
CA LEU E 123 1.49 1.33 -32.00
C LEU E 123 1.47 2.83 -32.28
N LEU E 124 0.57 3.27 -33.16
CA LEU E 124 0.44 4.70 -33.43
C LEU E 124 0.01 5.46 -32.18
N ILE E 125 -0.98 4.92 -31.45
CA ILE E 125 -1.44 5.61 -30.24
C ILE E 125 -0.36 5.57 -29.16
N ILE E 126 0.48 4.53 -29.16
CA ILE E 126 1.64 4.49 -28.26
C ILE E 126 2.60 5.61 -28.61
N SER E 127 2.83 5.83 -29.91
CA SER E 127 3.71 6.92 -30.33
C SER E 127 3.15 8.28 -29.90
N PHE E 128 1.82 8.45 -30.03
CA PHE E 128 1.20 9.69 -29.55
C PHE E 128 1.38 9.84 -28.05
N ASP E 129 1.23 8.74 -27.31
CA ASP E 129 1.48 8.75 -25.87
C ASP E 129 2.89 9.22 -25.57
N ARG E 130 3.87 8.68 -26.30
CA ARG E 130 5.26 9.07 -26.08
C ARG E 130 5.47 10.55 -26.37
N TYR E 131 4.88 11.04 -27.45
CA TYR E 131 5.03 12.45 -27.82
C TYR E 131 4.51 13.34 -26.71
N PHE E 132 3.31 13.04 -26.20
CA PHE E 132 2.73 13.87 -25.16
C PHE E 132 3.46 13.72 -23.84
N CYS E 133 4.04 12.53 -23.57
CA CYS E 133 4.79 12.33 -22.35
C CYS E 133 6.05 13.18 -22.34
N VAL E 134 6.84 13.12 -23.42
CA VAL E 134 8.13 13.81 -23.42
C VAL E 134 7.93 15.31 -23.61
N THR E 135 7.06 15.70 -24.53
CA THR E 135 6.93 17.12 -24.87
C THR E 135 6.36 17.92 -23.69
N LYS E 136 5.29 17.42 -23.09
CA LYS E 136 4.61 18.10 -21.99
C LYS E 136 4.44 17.10 -20.86
N PRO E 137 5.46 16.91 -20.03
CA PRO E 137 5.35 16.05 -18.87
C PRO E 137 4.84 16.68 -17.57
N LEU E 138 4.61 17.99 -17.53
CA LEU E 138 4.18 18.67 -16.32
C LEU E 138 2.70 18.41 -16.02
N THR E 139 1.86 18.44 -17.06
CA THR E 139 0.41 18.36 -16.89
C THR E 139 -0.26 17.21 -17.62
N TYR E 140 0.32 16.71 -18.71
CA TYR E 140 -0.35 15.68 -19.49
C TYR E 140 -0.58 14.38 -18.71
N PRO E 141 0.42 13.79 -18.04
CA PRO E 141 0.13 12.52 -17.33
C PRO E 141 -0.91 12.64 -16.25
N ALA E 142 -1.05 13.82 -15.63
CA ALA E 142 -2.16 14.04 -14.72
C ALA E 142 -3.48 14.27 -15.46
N ARG E 143 -3.42 14.87 -16.64
CA ARG E 143 -4.63 15.16 -17.40
C ARG E 143 -5.23 13.90 -18.01
N ARG E 144 -4.38 12.96 -18.41
CA ARG E 144 -4.89 11.76 -19.09
C ARG E 144 -5.74 10.90 -18.16
N THR E 145 -5.37 10.84 -16.88
CA THR E 145 -6.03 9.97 -15.89
C THR E 145 -6.01 8.55 -16.43
N THR E 146 -7.12 7.81 -16.41
CA THR E 146 -7.16 6.44 -16.91
C THR E 146 -8.25 6.16 -17.93
N LYS E 147 -9.26 7.03 -18.04
CA LYS E 147 -10.31 6.82 -19.02
C LYS E 147 -9.78 7.02 -20.44
N MET E 148 -8.79 7.90 -20.60
CA MET E 148 -8.30 8.28 -21.91
C MET E 148 -7.64 7.10 -22.61
N ALA E 149 -6.86 6.30 -21.87
CA ALA E 149 -6.18 5.15 -22.45
C ALA E 149 -7.18 4.12 -22.96
N GLY E 150 -8.20 3.82 -22.16
CA GLY E 150 -9.23 2.89 -22.60
C GLY E 150 -9.98 3.40 -23.81
N LEU E 151 -10.32 4.69 -23.81
CA LEU E 151 -11.00 5.26 -24.96
C LEU E 151 -10.13 5.16 -26.21
N MET E 152 -8.83 5.42 -26.08
CA MET E 152 -7.90 5.28 -27.20
C MET E 152 -7.83 3.85 -27.72
N ILE E 153 -7.70 2.86 -26.83
CA ILE E 153 -7.55 1.50 -27.33
C ILE E 153 -8.84 1.01 -27.98
N ALA E 154 -9.98 1.31 -27.34
CA ALA E 154 -11.26 0.90 -27.92
C ALA E 154 -11.49 1.59 -29.27
N ALA E 155 -11.20 2.90 -29.34
CA ALA E 155 -11.38 3.63 -30.60
C ALA E 155 -10.46 3.09 -31.68
N ALA E 156 -9.21 2.77 -31.34
CA ALA E 156 -8.28 2.24 -32.33
C ALA E 156 -8.78 0.92 -32.88
N TRP E 157 -9.19 0.01 -32.00
CA TRP E 157 -9.65 -1.31 -32.45
C TRP E 157 -10.91 -1.18 -33.30
N VAL E 158 -11.89 -0.40 -32.84
CA VAL E 158 -13.15 -0.30 -33.58
C VAL E 158 -12.94 0.43 -34.91
N LEU E 159 -12.04 1.41 -34.94
CA LEU E 159 -11.76 2.11 -36.19
C LEU E 159 -11.10 1.17 -37.19
N SER E 160 -10.17 0.33 -36.72
CA SER E 160 -9.58 -0.67 -37.61
C SER E 160 -10.67 -1.60 -38.15
N PHE E 161 -11.55 -2.07 -37.27
CA PHE E 161 -12.61 -2.99 -37.70
C PHE E 161 -13.49 -2.36 -38.76
N VAL E 162 -14.04 -1.18 -38.47
CA VAL E 162 -14.96 -0.54 -39.40
C VAL E 162 -14.25 -0.11 -40.67
N LEU E 163 -12.95 0.17 -40.59
CA LEU E 163 -12.22 0.58 -41.78
C LEU E 163 -12.00 -0.60 -42.71
N TRP E 164 -11.77 -1.79 -42.17
CA TRP E 164 -11.23 -2.85 -43.02
C TRP E 164 -12.08 -4.11 -43.10
N ALA E 165 -12.62 -4.61 -41.99
CA ALA E 165 -13.27 -5.91 -42.01
C ALA E 165 -14.46 -6.00 -42.97
N PRO E 166 -15.43 -5.08 -42.98
CA PRO E 166 -16.62 -5.33 -43.80
C PRO E 166 -16.35 -5.25 -45.29
N ALA E 167 -15.44 -4.38 -45.73
CA ALA E 167 -15.05 -4.42 -47.14
C ALA E 167 -14.42 -5.75 -47.49
N ILE E 168 -13.57 -6.27 -46.61
CA ILE E 168 -12.94 -7.58 -46.83
C ILE E 168 -14.01 -8.65 -47.05
N LEU E 169 -14.99 -8.72 -46.15
CA LEU E 169 -15.96 -9.79 -46.25
C LEU E 169 -16.98 -9.57 -47.36
N PHE E 170 -17.25 -8.31 -47.72
CA PHE E 170 -18.37 -7.99 -48.60
C PHE E 170 -17.93 -7.66 -50.03
N TRP E 171 -16.63 -7.66 -50.32
CA TRP E 171 -16.21 -7.40 -51.69
C TRP E 171 -16.74 -8.48 -52.64
N GLN E 172 -16.64 -9.74 -52.23
CA GLN E 172 -17.18 -10.82 -53.05
C GLN E 172 -18.70 -10.72 -53.15
N PHE E 173 -19.36 -10.35 -52.05
CA PHE E 173 -20.82 -10.25 -52.06
C PHE E 173 -21.30 -9.16 -53.02
N VAL E 174 -20.63 -8.01 -53.03
CA VAL E 174 -21.07 -6.90 -53.87
C VAL E 174 -20.99 -7.28 -55.33
N VAL E 175 -19.84 -7.82 -55.75
CA VAL E 175 -19.72 -8.29 -57.12
C VAL E 175 -20.56 -9.54 -57.33
N GLY E 176 -20.76 -10.33 -56.29
CA GLY E 176 -21.57 -11.53 -56.37
C GLY E 176 -20.86 -12.76 -56.90
N LYS E 177 -19.58 -12.65 -57.24
CA LYS E 177 -18.80 -13.78 -57.73
C LYS E 177 -17.43 -13.78 -57.06
N ARG E 178 -16.83 -14.97 -56.98
CA ARG E 178 -15.51 -15.12 -56.39
C ARG E 178 -14.46 -14.57 -57.35
N THR E 179 -14.09 -13.30 -57.17
CA THR E 179 -13.09 -12.69 -58.04
C THR E 179 -11.74 -13.38 -57.88
N VAL E 180 -11.36 -13.68 -56.66
CA VAL E 180 -10.19 -14.50 -56.41
C VAL E 180 -10.56 -15.94 -56.73
N PRO E 181 -9.61 -16.80 -57.04
CA PRO E 181 -9.92 -18.19 -57.28
C PRO E 181 -10.34 -18.95 -56.02
N ASP E 182 -11.20 -19.96 -56.22
CA ASP E 182 -11.71 -20.76 -55.12
C ASP E 182 -10.60 -21.59 -54.49
N ASN E 183 -9.74 -22.19 -55.31
CA ASN E 183 -8.66 -23.04 -54.79
C ASN E 183 -7.62 -22.23 -54.02
N GLN E 184 -7.04 -21.20 -54.63
CA GLN E 184 -6.09 -20.35 -53.91
C GLN E 184 -6.86 -19.19 -53.30
N CYS E 185 -7.47 -19.43 -52.14
CA CYS E 185 -8.26 -18.41 -51.47
C CYS E 185 -7.36 -17.33 -50.89
N PHE E 186 -7.77 -16.07 -51.06
CA PHE E 186 -6.93 -14.93 -50.76
C PHE E 186 -7.80 -13.81 -50.22
N ILE E 187 -7.25 -12.60 -50.19
CA ILE E 187 -8.04 -11.41 -49.91
C ILE E 187 -8.75 -11.00 -51.19
N GLN E 188 -10.01 -10.59 -51.06
CA GLN E 188 -10.89 -10.47 -52.22
C GLN E 188 -10.67 -9.16 -52.96
N PHE E 189 -10.62 -8.04 -52.24
CA PHE E 189 -10.77 -6.75 -52.89
C PHE E 189 -9.54 -6.28 -53.66
N LEU E 190 -8.42 -6.99 -53.57
CA LEU E 190 -7.27 -6.59 -54.38
C LEU E 190 -7.47 -6.85 -55.86
N SER E 191 -8.53 -7.56 -56.25
CA SER E 191 -8.80 -7.75 -57.68
C SER E 191 -8.90 -6.42 -58.42
N ASN E 192 -9.35 -5.38 -57.72
CA ASN E 192 -9.35 -4.01 -58.25
C ASN E 192 -8.51 -3.13 -57.34
N PRO E 193 -7.23 -2.90 -57.65
CA PRO E 193 -6.38 -2.11 -56.75
C PRO E 193 -6.80 -0.66 -56.60
N ALA E 194 -7.67 -0.15 -57.48
CA ALA E 194 -8.06 1.25 -57.42
C ALA E 194 -8.76 1.59 -56.11
N VAL E 195 -9.62 0.69 -55.63
CA VAL E 195 -10.26 0.91 -54.34
C VAL E 195 -9.35 0.52 -53.19
N THR E 196 -8.22 -0.15 -53.46
CA THR E 196 -7.38 -0.64 -52.38
C THR E 196 -6.31 0.36 -52.00
N PHE E 197 -5.68 1.01 -53.00
CA PHE E 197 -4.44 1.72 -52.73
C PHE E 197 -4.65 2.92 -51.82
N GLY E 198 -5.71 3.70 -52.05
CA GLY E 198 -5.90 4.91 -51.25
C GLY E 198 -6.18 4.60 -49.80
N THR E 199 -7.07 3.66 -49.54
CA THR E 199 -7.39 3.30 -48.15
C THR E 199 -6.24 2.57 -47.48
N ALA E 200 -5.49 1.74 -48.22
CA ALA E 200 -4.31 1.11 -47.64
C ALA E 200 -3.26 2.14 -47.28
N ILE E 201 -3.07 3.16 -48.12
CA ILE E 201 -2.15 4.24 -47.80
C ILE E 201 -2.61 4.96 -46.55
N ALA E 202 -3.89 5.32 -46.49
CA ALA E 202 -4.43 6.01 -45.32
C ALA E 202 -4.28 5.18 -44.06
N ALA E 203 -4.28 3.85 -44.19
CA ALA E 203 -4.15 2.99 -43.02
C ALA E 203 -2.71 2.69 -42.62
N PHE E 204 -1.75 2.80 -43.53
CA PHE E 204 -0.37 2.47 -43.20
C PHE E 204 0.61 3.62 -43.38
N TYR E 205 0.65 4.23 -44.57
CA TYR E 205 1.69 5.21 -44.85
C TYR E 205 1.50 6.47 -44.01
N LEU E 206 0.25 6.92 -43.85
CA LEU E 206 0.00 8.02 -42.93
C LEU E 206 0.41 7.67 -41.51
N PRO E 207 0.07 6.49 -40.96
CA PRO E 207 0.69 6.10 -39.69
C PRO E 207 2.20 6.07 -39.75
N VAL E 208 2.79 5.60 -40.86
CA VAL E 208 4.24 5.62 -40.98
C VAL E 208 4.76 7.04 -40.88
N VAL E 209 4.17 7.95 -41.66
CA VAL E 209 4.64 9.32 -41.70
C VAL E 209 4.53 9.98 -40.34
N ILE E 210 3.39 9.81 -39.67
CA ILE E 210 3.18 10.54 -38.43
C ILE E 210 3.95 9.90 -37.29
N MET E 211 4.15 8.57 -37.30
CA MET E 211 4.98 7.96 -36.28
C MET E 211 6.43 8.39 -36.42
N THR E 212 6.95 8.41 -37.65
CA THR E 212 8.31 8.91 -37.86
C THR E 212 8.42 10.37 -37.44
N VAL E 213 7.41 11.18 -37.76
CA VAL E 213 7.44 12.59 -37.39
C VAL E 213 7.46 12.74 -35.88
N LEU E 214 6.59 12.01 -35.18
CA LEU E 214 6.54 12.10 -33.72
C LEU E 214 7.84 11.63 -33.08
N TYR E 215 8.47 10.59 -33.63
CA TYR E 215 9.73 10.13 -33.06
C TYR E 215 10.86 11.14 -33.32
N ILE E 216 10.87 11.76 -34.50
CA ILE E 216 11.85 12.82 -34.75
C ILE E 216 11.66 13.95 -33.74
N HIS E 217 10.41 14.36 -33.52
CA HIS E 217 10.15 15.40 -32.53
C HIS E 217 10.48 14.93 -31.11
N ILE E 218 10.35 13.65 -30.81
CA ILE E 218 10.61 13.23 -29.44
C ILE E 218 12.10 13.26 -29.16
N SER E 219 12.92 12.91 -30.17
CA SER E 219 14.36 13.13 -30.05
C SER E 219 14.66 14.62 -29.88
N LEU E 220 14.06 15.46 -30.75
CA LEU E 220 14.34 16.89 -30.69
C LEU E 220 13.91 17.51 -29.36
N ALA E 221 12.82 17.00 -28.77
CA ALA E 221 12.36 17.52 -27.49
C ALA E 221 13.25 17.04 -26.36
N SER E 222 13.70 15.78 -26.43
CA SER E 222 14.67 15.30 -25.46
C SER E 222 16.02 15.99 -25.59
N ARG E 223 16.24 16.73 -26.67
CA ARG E 223 17.48 17.50 -26.81
C ARG E 223 17.63 18.52 -25.69
N SER E 224 16.54 19.17 -25.30
CA SER E 224 16.59 20.19 -24.26
C SER E 224 17.08 19.63 -22.94
N MET E 258 24.25 13.44 -19.82
CA MET E 258 23.06 14.01 -20.45
C MET E 258 23.07 13.71 -21.95
N ALA E 259 24.24 13.88 -22.57
CA ALA E 259 24.37 13.56 -23.99
C ALA E 259 24.32 12.06 -24.25
N ALA E 260 24.84 11.26 -23.31
CA ALA E 260 24.71 9.81 -23.44
C ALA E 260 23.26 9.38 -23.38
N ARG E 261 22.47 10.01 -22.51
CA ARG E 261 21.03 9.78 -22.50
C ARG E 261 20.41 10.06 -23.84
N GLU E 262 20.75 11.20 -24.45
CA GLU E 262 20.23 11.51 -25.78
C GLU E 262 20.63 10.47 -26.80
N ARG E 263 21.92 10.07 -26.79
CA ARG E 263 22.39 9.10 -27.77
C ARG E 263 21.63 7.79 -27.66
N LYS E 264 21.42 7.32 -26.44
CA LYS E 264 20.82 6.02 -26.24
C LYS E 264 19.29 6.05 -26.41
N VAL E 265 18.61 7.14 -26.05
CA VAL E 265 17.18 7.22 -26.36
C VAL E 265 16.96 7.38 -27.87
N THR E 266 17.84 8.12 -28.55
CA THR E 266 17.75 8.24 -30.00
C THR E 266 18.04 6.90 -30.67
N ARG E 267 19.01 6.15 -30.14
CA ARG E 267 19.28 4.82 -30.68
C ARG E 267 18.08 3.91 -30.51
N THR E 268 17.41 3.97 -29.36
CA THR E 268 16.25 3.10 -29.16
C THR E 268 15.08 3.49 -30.06
N ILE E 269 14.82 4.79 -30.22
CA ILE E 269 13.72 5.19 -31.10
C ILE E 269 14.04 4.84 -32.54
N PHE E 270 15.31 4.98 -32.95
CA PHE E 270 15.71 4.52 -34.27
C PHE E 270 15.50 3.02 -34.42
N ALA E 271 15.85 2.25 -33.39
CA ALA E 271 15.67 0.80 -33.46
C ALA E 271 14.20 0.45 -33.67
N ILE E 272 13.32 1.05 -32.88
CA ILE E 272 11.89 0.74 -32.98
C ILE E 272 11.35 1.17 -34.34
N LEU E 273 11.65 2.40 -34.76
CA LEU E 273 11.13 2.92 -36.01
C LEU E 273 11.63 2.11 -37.20
N LEU E 274 12.93 1.82 -37.24
CA LEU E 274 13.49 1.05 -38.35
C LEU E 274 13.01 -0.39 -38.34
N ALA E 275 12.79 -1.00 -37.17
CA ALA E 275 12.17 -2.31 -37.14
C ALA E 275 10.78 -2.26 -37.75
N PHE E 276 9.99 -1.25 -37.36
CA PHE E 276 8.65 -1.08 -37.92
C PHE E 276 8.70 -0.93 -39.43
N ILE E 277 9.60 -0.08 -39.93
CA ILE E 277 9.69 0.14 -41.38
C ILE E 277 10.11 -1.14 -42.08
N LEU E 278 11.23 -1.73 -41.66
CA LEU E 278 11.77 -2.89 -42.36
C LEU E 278 10.81 -4.07 -42.32
N THR E 279 9.97 -4.16 -41.30
CA THR E 279 9.08 -5.30 -41.16
C THR E 279 7.62 -4.98 -41.47
N TRP E 280 7.32 -3.78 -41.96
CA TRP E 280 5.97 -3.54 -42.45
C TRP E 280 5.93 -2.98 -43.87
N THR E 281 6.87 -2.09 -44.23
CA THR E 281 6.82 -1.44 -45.54
C THR E 281 6.90 -2.39 -46.72
N PRO E 282 7.76 -3.42 -46.74
CA PRO E 282 7.86 -4.25 -47.96
C PRO E 282 6.54 -4.84 -48.41
N TYR E 283 5.72 -5.34 -47.48
CA TYR E 283 4.45 -5.93 -47.88
C TYR E 283 3.54 -4.89 -48.52
N ASN E 284 3.50 -3.67 -47.97
CA ASN E 284 2.53 -2.70 -48.42
C ASN E 284 3.11 -1.82 -49.53
N VAL E 285 4.33 -2.10 -49.97
CA VAL E 285 4.77 -1.63 -51.27
C VAL E 285 4.64 -2.69 -52.35
N MET E 286 4.77 -3.98 -52.00
CA MET E 286 4.62 -5.05 -52.98
C MET E 286 3.16 -5.43 -53.19
N VAL E 287 2.26 -4.96 -52.32
CA VAL E 287 0.82 -5.02 -52.61
C VAL E 287 0.36 -3.78 -53.36
N LEU E 288 1.16 -2.71 -53.35
CA LEU E 288 0.81 -1.50 -54.09
C LEU E 288 1.30 -1.53 -55.53
N VAL E 289 2.50 -2.07 -55.74
CA VAL E 289 3.08 -2.07 -57.09
C VAL E 289 2.32 -2.95 -58.06
N ASN E 290 1.47 -3.86 -57.57
CA ASN E 290 0.73 -4.75 -58.46
C ASN E 290 -0.50 -4.11 -59.07
N THR E 291 -0.60 -2.77 -59.04
CA THR E 291 -1.74 -2.08 -59.63
C THR E 291 -1.70 -2.09 -61.15
N PHE E 292 -0.60 -2.53 -61.76
CA PHE E 292 -0.50 -2.58 -63.21
C PHE E 292 0.01 -3.91 -63.74
N CYS E 293 0.47 -4.83 -62.90
CA CYS E 293 0.98 -6.11 -63.38
C CYS E 293 0.77 -7.17 -62.32
N GLN E 294 0.77 -8.43 -62.76
CA GLN E 294 0.60 -9.59 -61.89
C GLN E 294 1.81 -10.51 -61.90
N SER E 295 2.36 -10.79 -63.07
CA SER E 295 3.51 -11.69 -63.19
C SER E 295 4.78 -11.08 -62.60
N CYS E 296 4.78 -9.79 -62.25
CA CYS E 296 5.96 -9.19 -61.65
C CYS E 296 6.30 -9.85 -60.33
N ILE E 297 5.31 -10.17 -59.51
CA ILE E 297 5.51 -10.78 -58.21
C ILE E 297 4.78 -12.11 -58.17
N PRO E 298 5.50 -13.22 -58.30
CA PRO E 298 4.86 -14.54 -58.23
C PRO E 298 4.31 -14.83 -56.83
N ASP E 299 3.58 -15.94 -56.75
CA ASP E 299 2.87 -16.29 -55.51
C ASP E 299 3.86 -16.53 -54.38
N THR E 300 4.93 -17.29 -54.63
CA THR E 300 5.87 -17.63 -53.57
C THR E 300 6.50 -16.40 -52.94
N VAL E 301 6.51 -15.27 -53.65
CA VAL E 301 7.15 -14.07 -53.12
C VAL E 301 6.36 -13.51 -51.95
N TRP E 302 5.02 -13.58 -52.00
CA TRP E 302 4.30 -12.90 -50.94
C TRP E 302 4.42 -13.63 -49.60
N SER E 303 4.96 -14.85 -49.61
CA SER E 303 5.21 -15.54 -48.35
C SER E 303 6.21 -14.79 -47.50
N ILE E 304 7.27 -14.25 -48.11
CA ILE E 304 8.25 -13.51 -47.34
C ILE E 304 7.63 -12.23 -46.79
N GLY E 305 6.72 -11.59 -47.53
CA GLY E 305 6.05 -10.41 -47.01
C GLY E 305 5.14 -10.72 -45.84
N TYR E 306 4.36 -11.80 -45.94
CA TYR E 306 3.56 -12.23 -44.80
C TYR E 306 4.43 -12.51 -43.59
N TRP E 307 5.48 -13.33 -43.78
CA TRP E 307 6.36 -13.64 -42.66
C TRP E 307 7.04 -12.41 -42.10
N LEU E 308 7.34 -11.42 -42.96
CA LEU E 308 7.96 -10.19 -42.49
C LEU E 308 7.02 -9.40 -41.60
N CYS E 309 5.75 -9.27 -41.99
CA CYS E 309 4.78 -8.62 -41.12
C CYS E 309 4.60 -9.38 -39.81
N TYR E 310 4.57 -10.71 -39.89
CA TYR E 310 4.39 -11.50 -38.69
C TYR E 310 5.63 -11.45 -37.79
N VAL E 311 6.82 -11.28 -38.37
CA VAL E 311 8.02 -11.06 -37.58
C VAL E 311 7.96 -9.70 -36.89
N ASN E 312 7.41 -8.69 -37.57
CA ASN E 312 7.16 -7.42 -36.90
C ASN E 312 6.28 -7.63 -35.66
N SER E 313 5.18 -8.35 -35.83
CA SER E 313 4.30 -8.62 -34.71
C SER E 313 5.01 -9.41 -33.62
N THR E 314 5.90 -10.33 -34.01
CA THR E 314 6.64 -11.13 -33.05
C THR E 314 7.62 -10.28 -32.25
N ILE E 315 8.30 -9.36 -32.92
CA ILE E 315 9.37 -8.60 -32.27
C ILE E 315 8.87 -7.39 -31.49
N ASN E 316 7.65 -6.91 -31.77
CA ASN E 316 7.13 -5.78 -31.00
C ASN E 316 7.10 -6.05 -29.50
N PRO E 317 6.51 -7.15 -29.00
CA PRO E 317 6.45 -7.33 -27.54
C PRO E 317 7.80 -7.61 -26.93
N ALA E 318 8.63 -8.44 -27.58
CA ALA E 318 9.93 -8.76 -27.01
C ALA E 318 10.79 -7.51 -26.88
N CYS E 319 10.83 -6.70 -27.94
CA CYS E 319 11.62 -5.47 -27.88
C CYS E 319 11.06 -4.51 -26.84
N TYR E 320 9.74 -4.32 -26.82
CA TYR E 320 9.16 -3.38 -25.85
C TYR E 320 9.41 -3.83 -24.42
N ALA E 321 9.32 -5.13 -24.15
CA ALA E 321 9.58 -5.63 -22.81
C ALA E 321 11.05 -5.47 -22.44
N LEU E 322 11.96 -5.85 -23.34
CA LEU E 322 13.39 -5.72 -23.07
C LEU E 322 13.81 -4.27 -22.89
N CYS E 323 13.09 -3.32 -23.50
CA CYS E 323 13.45 -1.92 -23.35
C CYS E 323 13.22 -1.39 -21.93
N ASN E 324 12.52 -2.12 -21.08
CA ASN E 324 12.29 -1.71 -19.70
C ASN E 324 12.89 -2.76 -18.76
N ALA E 325 13.58 -2.28 -17.72
CA ALA E 325 14.20 -3.20 -16.77
C ALA E 325 13.16 -3.94 -15.94
N THR E 326 12.10 -3.25 -15.52
CA THR E 326 11.10 -3.86 -14.66
C THR E 326 10.39 -5.02 -15.34
N PHE E 327 10.22 -4.98 -16.65
CA PHE E 327 9.57 -6.09 -17.35
C PHE E 327 10.39 -7.37 -17.23
N LYS E 328 11.69 -7.30 -17.50
CA LYS E 328 12.50 -8.51 -17.38
C LYS E 328 12.71 -8.88 -15.92
N LYS E 329 12.68 -7.91 -15.00
CA LYS E 329 12.74 -8.26 -13.59
C LYS E 329 11.53 -9.09 -13.17
N THR E 330 10.34 -8.67 -13.60
CA THR E 330 9.15 -9.46 -13.32
C THR E 330 9.18 -10.80 -14.05
N PHE E 331 9.77 -10.85 -15.24
CA PHE E 331 9.93 -12.12 -15.94
C PHE E 331 10.80 -13.08 -15.14
N ARG E 332 11.92 -12.57 -14.59
CA ARG E 332 12.77 -13.41 -13.75
C ARG E 332 12.04 -13.84 -12.49
N HIS E 333 11.23 -12.94 -11.91
CA HIS E 333 10.44 -13.32 -10.73
C HIS E 333 9.47 -14.44 -11.06
N LEU E 334 8.79 -14.36 -12.21
CA LEU E 334 7.87 -15.41 -12.62
C LEU E 334 8.61 -16.72 -12.87
N LEU E 335 9.80 -16.65 -13.48
CA LEU E 335 10.59 -17.86 -13.71
C LEU E 335 10.99 -18.51 -12.39
N LEU E 336 11.39 -17.70 -11.40
CA LEU E 336 11.72 -18.23 -10.09
C LEU E 336 10.50 -18.85 -9.42
N CYS E 337 9.34 -18.20 -9.55
CA CYS E 337 8.12 -18.74 -8.96
C CYS E 337 7.76 -20.08 -9.59
N GLN E 338 7.87 -20.19 -10.92
CA GLN E 338 7.57 -21.42 -11.65
C GLN E 338 6.15 -21.91 -11.38
#